data_5OCL
#
_entry.id   5OCL
#
_cell.length_a   126.295
_cell.length_b   126.295
_cell.length_c   240.270
_cell.angle_alpha   90.00
_cell.angle_beta   90.00
_cell.angle_gamma   90.00
#
_symmetry.space_group_name_H-M   'P 4 21 2'
#
loop_
_entity.id
_entity.type
_entity.pdbx_description
1 polymer 'anti-llama nanobody'
2 polymer 'anti-vglut nanobody'
3 water water
#
loop_
_entity_poly.entity_id
_entity_poly.type
_entity_poly.pdbx_seq_one_letter_code
_entity_poly.pdbx_strand_id
1 'polypeptide(L)'
;GPSQGQLVESGGGLVQAGGSLRLSCAASGIIFRELGIDWYRQAPGKQRELVASIASAGMTNYADSVKGRFTISRDNAKNT
VYLQMNSLKPEDTAVYYCHTLPRFSHLWGQGTRVTVSS
;
A,C,F,H
2 'polypeptide(L)'
;GPSQVQLQESGGGLVQAGDSLRLSCAASGRTWSIYGMGWFRQAPGKEREFVAGITWRGGNTHYADFVKGRFTISRDNVKN
TVYLQMNSLKPEDTAVYYCAANPNPSGSSVYRRNDYWGQGTQVTVSS
;
B,D,E,G
#
# COMPACT_ATOMS: atom_id res chain seq x y z
N GLN A 4 40.10 -39.40 4.30
CA GLN A 4 40.44 -39.12 5.68
C GLN A 4 41.93 -38.77 5.84
N GLY A 5 42.77 -39.79 5.96
CA GLY A 5 44.19 -39.58 6.17
C GLY A 5 44.56 -39.63 7.64
N GLN A 6 45.73 -40.19 7.94
CA GLN A 6 46.15 -40.35 9.33
C GLN A 6 47.66 -40.17 9.44
N LEU A 7 48.08 -39.44 10.46
CA LEU A 7 49.49 -39.23 10.78
C LEU A 7 49.74 -39.84 12.16
N VAL A 8 50.64 -40.82 12.22
CA VAL A 8 50.92 -41.56 13.44
C VAL A 8 52.36 -41.25 13.84
N GLU A 9 52.52 -40.43 14.86
CA GLU A 9 53.85 -40.10 15.37
C GLU A 9 54.33 -41.19 16.32
N SER A 10 55.64 -41.41 16.33
CA SER A 10 56.28 -42.35 17.22
C SER A 10 57.60 -41.76 17.70
N GLY A 11 58.15 -42.35 18.76
CA GLY A 11 59.33 -41.82 19.38
C GLY A 11 58.99 -40.76 20.42
N GLY A 12 60.03 -40.07 20.87
CA GLY A 12 59.88 -39.02 21.86
C GLY A 12 60.17 -39.49 23.26
N GLY A 13 59.62 -38.75 24.22
CA GLY A 13 59.78 -39.09 25.62
C GLY A 13 60.83 -38.25 26.33
N LEU A 14 61.30 -38.79 27.45
CA LEU A 14 62.25 -38.09 28.30
C LEU A 14 63.67 -38.30 27.80
N VAL A 15 64.50 -37.26 27.94
CA VAL A 15 65.87 -37.30 27.41
C VAL A 15 66.69 -36.26 28.16
N GLN A 16 67.95 -36.60 28.41
CA GLN A 16 68.87 -35.68 29.05
C GLN A 16 69.26 -34.56 28.09
N ALA A 17 69.42 -33.35 28.63
CA ALA A 17 69.87 -32.23 27.82
C ALA A 17 71.24 -32.52 27.24
N GLY A 18 71.47 -32.03 26.02
CA GLY A 18 72.65 -32.39 25.26
C GLY A 18 72.55 -33.70 24.50
N GLY A 19 71.57 -34.55 24.85
CA GLY A 19 71.34 -35.79 24.14
C GLY A 19 70.51 -35.59 22.90
N SER A 20 70.14 -36.71 22.27
CA SER A 20 69.45 -36.69 21.00
C SER A 20 68.25 -37.61 21.00
N LEU A 21 67.19 -37.19 20.31
CA LEU A 21 66.01 -37.99 20.02
C LEU A 21 65.80 -38.07 18.52
N ARG A 22 64.88 -38.94 18.12
CA ARG A 22 64.50 -39.05 16.71
C ARG A 22 63.01 -39.37 16.64
N LEU A 23 62.23 -38.45 16.08
CA LEU A 23 60.80 -38.66 15.93
C LEU A 23 60.50 -39.25 14.56
N SER A 24 59.41 -40.02 14.49
CA SER A 24 58.93 -40.59 13.25
C SER A 24 57.45 -40.30 13.10
N CYS A 25 57.01 -40.16 11.85
CA CYS A 25 55.60 -39.89 11.54
C CYS A 25 55.22 -40.70 10.32
N ALA A 26 54.44 -41.76 10.52
CA ALA A 26 53.97 -42.58 9.42
C ALA A 26 52.63 -42.05 8.91
N ALA A 27 52.54 -41.83 7.61
CA ALA A 27 51.34 -41.31 6.98
C ALA A 27 50.59 -42.43 6.26
N SER A 28 49.26 -42.27 6.20
CA SER A 28 48.40 -43.23 5.54
C SER A 28 47.13 -42.53 5.09
N GLY A 29 46.56 -43.02 3.98
CA GLY A 29 45.36 -42.42 3.44
C GLY A 29 45.57 -41.13 2.68
N ILE A 30 46.83 -40.73 2.46
CA ILE A 30 47.16 -39.54 1.69
C ILE A 30 48.19 -39.92 0.64
N ILE A 31 48.32 -39.07 -0.37
CA ILE A 31 49.36 -39.23 -1.38
C ILE A 31 50.60 -38.52 -0.82
N PHE A 32 51.51 -39.30 -0.23
CA PHE A 32 52.61 -38.74 0.55
C PHE A 32 53.65 -38.06 -0.33
N ARG A 33 53.88 -38.59 -1.54
CA ARG A 33 54.95 -38.06 -2.39
C ARG A 33 54.71 -36.60 -2.78
N GLU A 34 53.45 -36.20 -2.92
CA GLU A 34 53.12 -34.90 -3.50
C GLU A 34 52.97 -33.80 -2.45
N LEU A 35 53.11 -34.11 -1.16
CA LEU A 35 52.82 -33.18 -0.09
C LEU A 35 54.09 -32.80 0.66
N GLY A 36 54.16 -31.53 1.06
CA GLY A 36 55.16 -31.12 2.02
C GLY A 36 54.70 -31.46 3.43
N ILE A 37 55.64 -31.95 4.24
CA ILE A 37 55.36 -32.37 5.60
C ILE A 37 56.05 -31.42 6.57
N ASP A 38 55.40 -31.13 7.69
CA ASP A 38 55.91 -30.18 8.67
C ASP A 38 55.89 -30.78 10.06
N TRP A 39 56.85 -30.37 10.88
CA TRP A 39 56.85 -30.65 12.31
C TRP A 39 56.54 -29.36 13.05
N TYR A 40 55.50 -29.38 13.88
CA TYR A 40 55.17 -28.29 14.76
C TYR A 40 55.39 -28.70 16.21
N ARG A 41 55.37 -27.72 17.10
CA ARG A 41 55.49 -28.00 18.52
C ARG A 41 54.81 -26.88 19.30
N GLN A 42 54.25 -27.26 20.45
CA GLN A 42 53.60 -26.30 21.35
C GLN A 42 54.32 -26.36 22.69
N ALA A 43 55.19 -25.38 22.93
CA ALA A 43 55.88 -25.26 24.20
C ALA A 43 54.95 -24.69 25.26
N PRO A 44 55.26 -24.89 26.54
CA PRO A 44 54.42 -24.33 27.61
C PRO A 44 54.37 -22.82 27.53
N GLY A 45 53.15 -22.27 27.58
CA GLY A 45 52.94 -20.84 27.57
C GLY A 45 53.05 -20.16 26.22
N LYS A 46 53.48 -20.88 25.19
CA LYS A 46 53.65 -20.32 23.86
C LYS A 46 52.60 -20.88 22.91
N GLN A 47 52.33 -20.13 21.86
CA GLN A 47 51.50 -20.65 20.78
C GLN A 47 52.25 -21.75 20.02
N ARG A 48 51.49 -22.66 19.42
CA ARG A 48 52.09 -23.69 18.58
C ARG A 48 52.85 -23.05 17.43
N GLU A 49 54.08 -23.51 17.20
CA GLU A 49 54.98 -22.89 16.25
C GLU A 49 55.58 -23.94 15.33
N LEU A 50 56.00 -23.50 14.15
CA LEU A 50 56.64 -24.36 13.17
C LEU A 50 58.07 -24.66 13.59
N VAL A 51 58.48 -25.92 13.43
CA VAL A 51 59.81 -26.38 13.80
C VAL A 51 60.65 -26.69 12.56
N ALA A 52 60.10 -27.45 11.62
CA ALA A 52 60.84 -27.83 10.43
C ALA A 52 59.85 -28.21 9.33
N SER A 53 60.23 -27.92 8.09
CA SER A 53 59.43 -28.26 6.93
C SER A 53 60.31 -28.95 5.91
N ILE A 54 59.72 -29.88 5.16
CA ILE A 54 60.38 -30.47 3.99
C ILE A 54 59.37 -30.51 2.86
N ALA A 55 59.72 -29.89 1.74
CA ALA A 55 58.82 -29.86 0.59
C ALA A 55 58.86 -31.20 -0.14
N SER A 56 57.89 -31.38 -1.04
CA SER A 56 57.85 -32.60 -1.84
C SER A 56 59.08 -32.72 -2.72
N ALA A 57 59.71 -31.59 -3.07
CA ALA A 57 60.94 -31.57 -3.85
C ALA A 57 62.19 -31.68 -2.98
N GLY A 58 62.04 -31.75 -1.66
CA GLY A 58 63.17 -32.03 -0.78
C GLY A 58 63.73 -30.84 -0.03
N MET A 59 63.36 -29.61 -0.39
CA MET A 59 63.90 -28.44 0.29
C MET A 59 63.41 -28.40 1.73
N THR A 60 64.28 -27.93 2.64
CA THR A 60 63.99 -27.92 4.06
C THR A 60 64.11 -26.51 4.64
N ASN A 61 63.23 -26.20 5.58
CA ASN A 61 63.31 -24.98 6.37
C ASN A 61 63.28 -25.32 7.84
N TYR A 62 63.92 -24.49 8.66
CA TYR A 62 63.96 -24.71 10.09
C TYR A 62 63.74 -23.39 10.81
N ALA A 63 63.09 -23.48 11.97
CA ALA A 63 63.00 -22.31 12.86
C ALA A 63 64.40 -21.93 13.33
N ASP A 64 64.56 -20.65 13.66
CA ASP A 64 65.88 -20.15 14.03
C ASP A 64 66.44 -20.88 15.25
N SER A 65 65.58 -21.20 16.22
CA SER A 65 66.06 -21.78 17.47
C SER A 65 66.48 -23.23 17.34
N VAL A 66 66.30 -23.86 16.18
CA VAL A 66 66.68 -25.25 15.98
C VAL A 66 67.66 -25.43 14.85
N LYS A 67 68.02 -24.36 14.14
CA LYS A 67 68.97 -24.45 13.03
C LYS A 67 70.28 -25.07 13.49
N GLY A 68 70.74 -26.08 12.74
CA GLY A 68 71.97 -26.76 13.04
C GLY A 68 71.85 -27.90 14.02
N ARG A 69 70.78 -27.93 14.83
CA ARG A 69 70.55 -29.00 15.78
C ARG A 69 69.56 -30.04 15.28
N PHE A 70 68.48 -29.61 14.64
CA PHE A 70 67.46 -30.52 14.13
C PHE A 70 67.70 -30.78 12.64
N THR A 71 67.18 -31.91 12.16
CA THR A 71 67.23 -32.26 10.75
C THR A 71 65.95 -32.99 10.38
N ILE A 72 65.26 -32.51 9.36
CA ILE A 72 64.05 -33.14 8.86
C ILE A 72 64.37 -33.87 7.57
N SER A 73 63.77 -35.04 7.38
CA SER A 73 64.02 -35.87 6.20
C SER A 73 62.81 -36.77 6.00
N ARG A 74 62.68 -37.27 4.77
CA ARG A 74 61.53 -38.10 4.41
C ARG A 74 61.97 -39.36 3.69
N ASP A 75 61.15 -40.40 3.81
CA ASP A 75 61.32 -41.65 3.06
C ASP A 75 59.99 -41.91 2.37
N ASN A 76 59.91 -41.57 1.07
CA ASN A 76 58.64 -41.69 0.36
C ASN A 76 58.23 -43.15 0.17
N ALA A 77 59.20 -44.08 0.15
CA ALA A 77 58.86 -45.49 0.05
C ALA A 77 58.13 -45.98 1.31
N LYS A 78 58.49 -45.44 2.46
CA LYS A 78 57.85 -45.82 3.73
C LYS A 78 56.74 -44.85 4.13
N ASN A 79 56.55 -43.75 3.40
CA ASN A 79 55.53 -42.75 3.70
C ASN A 79 55.73 -42.16 5.11
N THR A 80 56.99 -42.01 5.51
CA THR A 80 57.29 -41.47 6.83
C THR A 80 58.26 -40.31 6.71
N VAL A 81 58.17 -39.39 7.66
CA VAL A 81 59.08 -38.26 7.80
C VAL A 81 59.74 -38.36 9.18
N TYR A 82 61.03 -38.02 9.24
CA TYR A 82 61.78 -38.09 10.48
C TYR A 82 62.24 -36.70 10.91
N LEU A 83 62.38 -36.52 12.22
CA LEU A 83 62.94 -35.30 12.80
C LEU A 83 64.07 -35.70 13.74
N GLN A 84 65.31 -35.52 13.29
CA GLN A 84 66.49 -35.86 14.08
C GLN A 84 66.85 -34.67 14.96
N MET A 85 66.65 -34.82 16.27
CA MET A 85 66.87 -33.74 17.22
C MET A 85 68.17 -34.00 17.97
N ASN A 86 69.16 -33.14 17.79
CA ASN A 86 70.44 -33.22 18.48
C ASN A 86 70.62 -32.03 19.40
N SER A 87 71.47 -32.22 20.41
CA SER A 87 71.82 -31.17 21.37
C SER A 87 70.58 -30.55 21.99
N LEU A 88 69.72 -31.42 22.53
CA LEU A 88 68.44 -30.98 23.07
C LEU A 88 68.63 -30.08 24.29
N LYS A 89 67.69 -29.17 24.48
CA LYS A 89 67.71 -28.19 25.55
C LYS A 89 66.32 -28.04 26.11
N PRO A 90 66.18 -27.58 27.35
CA PRO A 90 64.84 -27.35 27.92
C PRO A 90 63.99 -26.42 27.07
N GLU A 91 64.62 -25.59 26.25
CA GLU A 91 63.92 -24.84 25.22
C GLU A 91 63.01 -25.74 24.40
N ASP A 92 63.46 -26.97 24.11
CA ASP A 92 62.79 -27.88 23.21
C ASP A 92 61.69 -28.71 23.87
N THR A 93 61.46 -28.53 25.17
CA THR A 93 60.40 -29.27 25.85
C THR A 93 59.04 -28.79 25.32
N ALA A 94 58.32 -29.68 24.65
CA ALA A 94 57.06 -29.33 24.02
C ALA A 94 56.34 -30.58 23.57
N VAL A 95 55.10 -30.40 23.14
CA VAL A 95 54.34 -31.46 22.45
C VAL A 95 54.55 -31.26 20.96
N TYR A 96 55.18 -32.25 20.31
CA TYR A 96 55.51 -32.14 18.90
C TYR A 96 54.42 -32.75 18.04
N TYR A 97 54.13 -32.09 16.92
CA TYR A 97 53.03 -32.48 16.04
C TYR A 97 53.54 -32.62 14.61
N CYS A 98 53.24 -33.78 14.01
CA CYS A 98 53.42 -33.98 12.58
C CYS A 98 52.24 -33.37 11.83
N HIS A 99 52.50 -32.79 10.66
CA HIS A 99 51.45 -32.05 9.98
C HIS A 99 51.63 -32.10 8.46
N THR A 100 50.51 -32.08 7.75
CA THR A 100 50.46 -31.79 6.32
C THR A 100 49.07 -31.26 6.00
N LEU A 101 48.90 -30.78 4.77
CA LEU A 101 47.63 -30.22 4.30
C LEU A 101 47.27 -30.87 2.98
N PRO A 102 46.57 -32.01 3.02
CA PRO A 102 46.23 -32.73 1.79
C PRO A 102 45.25 -31.97 0.91
N ARG A 103 44.15 -31.50 1.51
CA ARG A 103 43.15 -30.75 0.76
C ARG A 103 42.82 -29.43 1.47
N PHE A 104 41.62 -29.34 2.05
CA PHE A 104 41.19 -28.11 2.70
C PHE A 104 41.35 -28.12 4.21
N SER A 105 41.34 -29.30 4.83
CA SER A 105 41.45 -29.41 6.29
C SER A 105 42.84 -29.87 6.69
N HIS A 106 43.36 -29.27 7.77
CA HIS A 106 44.67 -29.63 8.25
C HIS A 106 44.68 -31.06 8.81
N LEU A 107 45.73 -31.79 8.51
CA LEU A 107 45.93 -33.15 9.00
C LEU A 107 47.02 -33.13 10.06
N TRP A 108 46.66 -33.48 11.29
CA TRP A 108 47.56 -33.45 12.42
C TRP A 108 47.80 -34.85 12.97
N GLY A 109 49.03 -35.11 13.43
CA GLY A 109 49.31 -36.27 14.23
C GLY A 109 48.79 -36.10 15.64
N GLN A 110 48.89 -37.18 16.42
CA GLN A 110 48.27 -37.19 17.74
C GLN A 110 48.98 -36.28 18.73
N GLY A 111 50.27 -36.03 18.53
CA GLY A 111 51.03 -35.24 19.49
C GLY A 111 51.92 -36.09 20.36
N THR A 112 53.23 -36.00 20.15
CA THR A 112 54.21 -36.74 20.94
C THR A 112 54.98 -35.78 21.84
N ARG A 113 55.11 -36.13 23.11
CA ARG A 113 55.72 -35.26 24.09
C ARG A 113 57.22 -35.48 24.15
N VAL A 114 57.97 -34.38 24.19
CA VAL A 114 59.42 -34.41 24.36
C VAL A 114 59.75 -33.60 25.60
N THR A 115 60.35 -34.26 26.59
CA THR A 115 60.66 -33.65 27.88
C THR A 115 62.17 -33.71 28.09
N VAL A 116 62.80 -32.54 28.15
CA VAL A 116 64.24 -32.43 28.31
C VAL A 116 64.54 -32.19 29.79
N SER A 117 65.33 -33.08 30.39
CA SER A 117 65.74 -32.97 31.77
C SER A 117 67.22 -32.57 31.84
N SER A 118 67.75 -32.54 33.06
CA SER A 118 69.14 -32.16 33.28
C SER A 118 69.89 -33.26 34.01
N GLY B 1 41.59 -3.72 -4.57
CA GLY B 1 40.44 -3.55 -3.70
C GLY B 1 40.31 -4.64 -2.66
N PRO B 2 39.19 -4.66 -1.94
CA PRO B 2 38.97 -5.72 -0.95
C PRO B 2 38.81 -7.07 -1.64
N SER B 3 38.99 -8.13 -0.86
CA SER B 3 38.95 -9.45 -1.48
C SER B 3 38.66 -10.52 -0.43
N GLN B 4 38.30 -11.70 -0.94
CA GLN B 4 38.09 -12.89 -0.11
C GLN B 4 39.27 -13.14 0.81
N VAL B 5 40.47 -13.20 0.24
CA VAL B 5 41.70 -13.44 0.98
C VAL B 5 42.46 -12.12 1.05
N GLN B 6 42.86 -11.74 2.26
CA GLN B 6 43.61 -10.52 2.49
C GLN B 6 45.07 -10.86 2.73
N LEU B 7 45.95 -10.05 2.17
CA LEU B 7 47.39 -10.25 2.29
C LEU B 7 48.03 -9.01 2.89
N GLN B 8 49.15 -9.22 3.58
CA GLN B 8 49.72 -8.16 4.38
C GLN B 8 51.23 -8.33 4.47
N GLU B 9 51.97 -7.48 3.76
CA GLU B 9 53.42 -7.53 3.86
C GLU B 9 53.91 -6.75 5.08
N SER B 10 55.12 -7.11 5.53
CA SER B 10 55.85 -6.34 6.53
C SER B 10 57.30 -6.81 6.51
N GLY B 11 58.17 -6.02 7.13
CA GLY B 11 59.58 -6.35 7.21
C GLY B 11 60.48 -5.55 6.29
N GLY B 12 59.92 -4.67 5.46
CA GLY B 12 60.75 -3.86 4.60
C GLY B 12 61.49 -2.77 5.37
N GLY B 13 62.53 -2.23 4.74
CA GLY B 13 63.31 -1.20 5.39
C GLY B 13 64.52 -0.84 4.55
N LEU B 14 65.38 -0.01 5.15
CA LEU B 14 66.59 0.48 4.51
C LEU B 14 67.79 -0.31 5.02
N VAL B 15 68.58 -0.82 4.08
CA VAL B 15 69.79 -1.58 4.38
C VAL B 15 70.88 -1.12 3.40
N GLN B 16 72.07 -1.68 3.57
CA GLN B 16 73.18 -1.41 2.67
C GLN B 16 73.61 -2.69 1.97
N ALA B 17 74.31 -2.53 0.86
CA ALA B 17 74.71 -3.66 0.03
C ALA B 17 75.44 -4.71 0.85
N GLY B 18 75.07 -5.98 0.65
CA GLY B 18 75.60 -7.07 1.40
C GLY B 18 74.77 -7.50 2.59
N ASP B 19 73.85 -6.65 3.06
CA ASP B 19 73.03 -6.98 4.21
C ASP B 19 71.96 -8.01 3.83
N SER B 20 71.34 -8.56 4.86
CA SER B 20 70.22 -9.48 4.69
C SER B 20 68.95 -8.84 5.23
N LEU B 21 67.82 -9.35 4.76
CA LEU B 21 66.51 -8.84 5.15
C LEU B 21 65.49 -9.93 4.93
N ARG B 22 64.49 -9.99 5.81
CA ARG B 22 63.47 -11.04 5.76
C ARG B 22 62.10 -10.42 5.72
N LEU B 23 61.37 -10.63 4.62
CA LEU B 23 60.00 -10.18 4.49
C LEU B 23 59.04 -11.29 4.91
N SER B 24 57.85 -10.88 5.34
CA SER B 24 56.79 -11.82 5.67
C SER B 24 55.46 -11.26 5.18
N CYS B 25 54.51 -12.16 4.97
CA CYS B 25 53.19 -11.80 4.44
C CYS B 25 52.14 -12.62 5.16
N ALA B 26 51.25 -11.95 5.88
CA ALA B 26 50.21 -12.61 6.65
C ALA B 26 48.94 -12.71 5.81
N ALA B 27 48.51 -13.95 5.54
CA ALA B 27 47.28 -14.19 4.80
C ALA B 27 46.12 -14.41 5.76
N SER B 28 44.97 -13.82 5.43
CA SER B 28 43.78 -13.95 6.25
C SER B 28 42.57 -14.16 5.34
N GLY B 29 41.45 -14.53 5.95
CA GLY B 29 40.22 -14.77 5.21
C GLY B 29 40.05 -16.24 4.87
N ARG B 30 39.70 -16.51 3.62
CA ARG B 30 39.45 -17.88 3.17
C ARG B 30 40.77 -18.55 2.77
N THR B 31 41.65 -18.66 3.77
CA THR B 31 43.01 -19.16 3.56
C THR B 31 43.04 -20.61 3.11
N TRP B 32 41.93 -21.35 3.20
CA TRP B 32 41.93 -22.73 2.74
C TRP B 32 41.97 -22.82 1.22
N SER B 33 41.50 -21.79 0.52
CA SER B 33 41.49 -21.78 -0.94
C SER B 33 42.80 -21.28 -1.53
N ILE B 34 43.84 -21.13 -0.72
CA ILE B 34 45.15 -20.71 -1.22
C ILE B 34 45.88 -21.92 -1.75
N TYR B 35 46.29 -21.86 -3.03
CA TYR B 35 47.03 -22.93 -3.66
C TYR B 35 48.47 -22.57 -3.99
N GLY B 36 48.80 -21.29 -4.04
CA GLY B 36 50.17 -20.87 -4.29
C GLY B 36 50.34 -19.42 -3.94
N MET B 37 51.56 -19.05 -3.58
CA MET B 37 51.88 -17.67 -3.26
C MET B 37 53.19 -17.29 -3.93
N GLY B 38 53.44 -15.99 -4.00
CA GLY B 38 54.65 -15.51 -4.64
C GLY B 38 55.02 -14.12 -4.16
N TRP B 39 56.29 -13.80 -4.34
CA TRP B 39 56.82 -12.47 -4.05
C TRP B 39 57.16 -11.79 -5.37
N PHE B 40 56.76 -10.52 -5.49
CA PHE B 40 57.01 -9.72 -6.68
C PHE B 40 57.67 -8.41 -6.27
N ARG B 41 58.38 -7.80 -7.21
CA ARG B 41 59.03 -6.52 -6.97
C ARG B 41 58.58 -5.52 -8.02
N GLN B 42 58.32 -4.30 -7.58
CA GLN B 42 57.93 -3.20 -8.46
C GLN B 42 59.05 -2.17 -8.41
N ALA B 43 60.01 -2.32 -9.32
CA ALA B 43 61.14 -1.40 -9.37
C ALA B 43 60.69 -0.03 -9.86
N PRO B 44 61.46 1.02 -9.56
CA PRO B 44 61.06 2.38 -9.95
C PRO B 44 60.74 2.51 -11.43
N GLY B 45 59.53 2.98 -11.72
CA GLY B 45 59.08 3.18 -13.08
C GLY B 45 58.76 1.93 -13.86
N LYS B 46 58.75 0.76 -13.21
CA LYS B 46 58.68 -0.53 -13.89
C LYS B 46 57.48 -1.31 -13.41
N GLU B 47 56.93 -2.13 -14.30
CA GLU B 47 55.86 -3.06 -13.93
C GLU B 47 56.39 -4.10 -12.94
N ARG B 48 55.55 -4.51 -12.01
CA ARG B 48 55.97 -5.52 -11.05
C ARG B 48 56.29 -6.82 -11.76
N GLU B 49 57.30 -7.53 -11.25
CA GLU B 49 57.79 -8.75 -11.88
C GLU B 49 58.05 -9.82 -10.83
N PHE B 50 58.02 -11.06 -11.29
CA PHE B 50 58.14 -12.21 -10.40
C PHE B 50 59.53 -12.29 -9.79
N VAL B 51 59.59 -12.58 -8.49
CA VAL B 51 60.83 -12.79 -7.77
C VAL B 51 60.95 -14.24 -7.30
N ALA B 52 59.93 -14.74 -6.61
CA ALA B 52 59.95 -16.10 -6.08
C ALA B 52 58.53 -16.56 -5.86
N GLY B 53 58.31 -17.86 -6.02
CA GLY B 53 57.00 -18.43 -5.86
C GLY B 53 57.08 -19.78 -5.14
N ILE B 54 55.96 -20.18 -4.56
CA ILE B 54 55.92 -21.41 -3.79
C ILE B 54 54.52 -22.00 -3.86
N THR B 55 54.45 -23.32 -3.97
CA THR B 55 53.17 -24.03 -3.94
C THR B 55 52.76 -24.27 -2.50
N TRP B 56 51.46 -24.12 -2.24
CA TRP B 56 50.98 -24.06 -0.86
C TRP B 56 51.08 -25.41 -0.16
N ARG B 57 50.71 -26.49 -0.84
CA ARG B 57 50.68 -27.81 -0.23
C ARG B 57 51.92 -28.64 -0.52
N GLY B 58 52.60 -28.40 -1.64
CA GLY B 58 53.81 -29.11 -1.95
C GLY B 58 55.04 -28.44 -1.37
N GLY B 59 54.98 -27.12 -1.19
CA GLY B 59 56.12 -26.37 -0.69
C GLY B 59 57.24 -26.17 -1.69
N ASN B 60 57.01 -26.49 -2.97
CA ASN B 60 58.03 -26.37 -3.98
C ASN B 60 58.20 -24.91 -4.40
N THR B 61 59.45 -24.54 -4.71
CA THR B 61 59.80 -23.15 -4.93
C THR B 61 60.35 -22.94 -6.34
N HIS B 62 60.45 -21.68 -6.72
CA HIS B 62 61.01 -21.26 -8.00
C HIS B 62 61.41 -19.80 -7.87
N TYR B 63 62.49 -19.44 -8.56
CA TYR B 63 63.09 -18.11 -8.39
C TYR B 63 63.36 -17.48 -9.74
N ALA B 64 63.27 -16.15 -9.78
CA ALA B 64 63.63 -15.40 -10.96
C ALA B 64 65.14 -15.49 -11.20
N ASP B 65 65.54 -15.20 -12.44
CA ASP B 65 66.94 -15.37 -12.83
C ASP B 65 67.86 -14.37 -12.15
N PHE B 66 67.34 -13.24 -11.66
CA PHE B 66 68.20 -12.29 -10.97
C PHE B 66 68.37 -12.61 -9.49
N VAL B 67 67.66 -13.62 -8.97
CA VAL B 67 67.82 -14.01 -7.57
C VAL B 67 69.20 -14.63 -7.36
N LYS B 68 69.58 -15.57 -8.23
CA LYS B 68 70.92 -16.16 -8.23
C LYS B 68 71.24 -16.83 -6.88
N GLY B 69 70.27 -17.57 -6.35
CA GLY B 69 70.46 -18.29 -5.12
C GLY B 69 70.58 -17.43 -3.87
N ARG B 70 70.32 -16.14 -3.99
CA ARG B 70 70.45 -15.25 -2.83
C ARG B 70 69.20 -15.26 -1.95
N PHE B 71 68.03 -15.48 -2.54
CA PHE B 71 66.77 -15.41 -1.81
C PHE B 71 66.23 -16.81 -1.56
N THR B 72 65.43 -16.92 -0.50
CA THR B 72 64.77 -18.18 -0.15
C THR B 72 63.34 -17.88 0.26
N ILE B 73 62.38 -18.54 -0.38
CA ILE B 73 60.96 -18.37 -0.07
C ILE B 73 60.47 -19.62 0.64
N SER B 74 59.62 -19.43 1.65
CA SER B 74 59.04 -20.52 2.41
C SER B 74 57.68 -20.08 2.91
N ARG B 75 56.86 -21.04 3.32
CA ARG B 75 55.52 -20.73 3.79
C ARG B 75 55.18 -21.58 5.00
N ASP B 76 54.20 -21.08 5.76
CA ASP B 76 53.62 -21.77 6.91
C ASP B 76 52.12 -21.80 6.63
N ASN B 77 51.62 -22.93 6.12
CA ASN B 77 50.21 -22.99 5.75
C ASN B 77 49.28 -23.20 6.95
N VAL B 78 49.83 -23.33 8.15
CA VAL B 78 49.02 -23.29 9.37
C VAL B 78 48.86 -21.86 9.88
N LYS B 79 49.98 -21.15 9.99
CA LYS B 79 49.95 -19.74 10.35
C LYS B 79 49.50 -18.85 9.20
N ASN B 80 49.46 -19.40 7.98
CA ASN B 80 49.03 -18.68 6.77
C ASN B 80 49.97 -17.50 6.48
N THR B 81 51.26 -17.80 6.44
CA THR B 81 52.29 -16.81 6.19
C THR B 81 53.28 -17.34 5.15
N VAL B 82 53.85 -16.43 4.36
CA VAL B 82 54.89 -16.74 3.40
C VAL B 82 56.05 -15.77 3.64
N TYR B 83 57.28 -16.27 3.52
CA TYR B 83 58.46 -15.52 3.88
C TYR B 83 59.41 -15.42 2.69
N LEU B 84 60.18 -14.34 2.66
CA LEU B 84 61.25 -14.15 1.68
C LEU B 84 62.51 -13.75 2.44
N GLN B 85 63.46 -14.68 2.54
CA GLN B 85 64.77 -14.41 3.14
C GLN B 85 65.66 -13.84 2.04
N MET B 86 66.02 -12.57 2.17
CA MET B 86 66.84 -11.88 1.18
C MET B 86 68.25 -11.72 1.73
N ASN B 87 69.21 -12.41 1.12
CA ASN B 87 70.61 -12.31 1.49
C ASN B 87 71.39 -11.61 0.37
N SER B 88 72.50 -10.98 0.76
CA SER B 88 73.40 -10.32 -0.18
C SER B 88 72.65 -9.34 -1.08
N LEU B 89 71.90 -8.44 -0.46
CA LEU B 89 71.12 -7.48 -1.21
C LEU B 89 72.03 -6.52 -1.98
N LYS B 90 71.56 -6.09 -3.14
CA LYS B 90 72.26 -5.19 -4.03
C LYS B 90 71.44 -3.92 -4.25
N PRO B 91 72.08 -2.81 -4.61
CA PRO B 91 71.31 -1.60 -4.93
C PRO B 91 70.25 -1.82 -6.00
N GLU B 92 70.48 -2.76 -6.93
CA GLU B 92 69.53 -3.07 -7.97
C GLU B 92 68.28 -3.76 -7.44
N ASP B 93 68.30 -4.25 -6.19
CA ASP B 93 67.13 -4.87 -5.60
C ASP B 93 66.15 -3.86 -5.01
N THR B 94 66.52 -2.58 -4.97
CA THR B 94 65.64 -1.55 -4.42
C THR B 94 64.33 -1.51 -5.20
N ALA B 95 63.23 -1.78 -4.50
CA ALA B 95 61.91 -1.85 -5.14
C ALA B 95 60.85 -1.97 -4.05
N VAL B 96 59.60 -1.77 -4.46
CA VAL B 96 58.46 -2.15 -3.62
C VAL B 96 58.20 -3.63 -3.85
N TYR B 97 58.12 -4.39 -2.76
CA TYR B 97 57.93 -5.83 -2.83
C TYR B 97 56.49 -6.18 -2.46
N TYR B 98 55.81 -6.89 -3.35
CA TYR B 98 54.40 -7.22 -3.21
C TYR B 98 54.21 -8.70 -2.98
N CYS B 99 53.27 -9.04 -2.10
CA CYS B 99 52.85 -10.40 -1.83
C CYS B 99 51.60 -10.72 -2.64
N ALA B 100 51.55 -11.93 -3.19
CA ALA B 100 50.43 -12.32 -4.06
C ALA B 100 50.06 -13.78 -3.81
N ALA B 101 48.83 -14.11 -4.16
CA ALA B 101 48.31 -15.46 -3.95
C ALA B 101 47.48 -15.91 -5.15
N ASN B 102 47.63 -17.19 -5.49
CA ASN B 102 46.83 -17.89 -6.49
C ASN B 102 47.03 -17.33 -7.90
N PRO B 103 48.05 -17.81 -8.62
CA PRO B 103 48.20 -17.41 -10.03
C PRO B 103 46.97 -17.76 -10.85
N ASN B 104 46.66 -16.88 -11.80
CA ASN B 104 45.50 -17.05 -12.68
C ASN B 104 46.00 -17.07 -14.12
N PRO B 105 45.67 -18.11 -14.90
CA PRO B 105 46.22 -18.19 -16.27
C PRO B 105 45.72 -17.08 -17.19
N SER B 106 44.51 -16.57 -16.96
CA SER B 106 43.96 -15.50 -17.79
C SER B 106 44.15 -14.16 -17.11
N GLY B 107 44.52 -13.16 -17.91
CA GLY B 107 44.81 -11.84 -17.40
C GLY B 107 45.82 -11.12 -18.27
N SER B 108 45.58 -9.84 -18.55
CA SER B 108 46.42 -9.10 -19.49
C SER B 108 47.69 -8.55 -18.87
N SER B 109 47.85 -8.67 -17.54
CA SER B 109 49.07 -8.19 -16.89
C SER B 109 49.35 -9.08 -15.69
N VAL B 110 50.58 -8.95 -15.17
CA VAL B 110 50.99 -9.70 -13.98
C VAL B 110 50.01 -9.45 -12.83
N TYR B 111 49.58 -8.20 -12.67
CA TYR B 111 48.65 -7.85 -11.61
C TYR B 111 47.35 -8.63 -11.74
N ARG B 112 46.81 -8.73 -12.96
CA ARG B 112 45.56 -9.47 -13.17
C ARG B 112 45.77 -10.97 -13.29
N ARG B 113 47.01 -11.44 -13.31
CA ARG B 113 47.31 -12.87 -13.35
C ARG B 113 47.50 -13.47 -11.98
N ASN B 114 47.10 -12.76 -10.92
CA ASN B 114 47.06 -13.28 -9.57
C ASN B 114 45.80 -12.76 -8.91
N ASP B 115 45.12 -13.63 -8.16
CA ASP B 115 43.79 -13.27 -7.63
C ASP B 115 43.89 -12.32 -6.46
N TYR B 116 44.90 -12.46 -5.61
CA TYR B 116 44.99 -11.68 -4.38
C TYR B 116 46.35 -11.00 -4.29
N TRP B 117 46.34 -9.73 -3.88
CA TRP B 117 47.55 -8.93 -3.76
C TRP B 117 47.59 -8.23 -2.42
N GLY B 118 48.80 -8.11 -1.87
CA GLY B 118 49.02 -7.25 -0.72
C GLY B 118 49.15 -5.80 -1.11
N GLN B 119 49.70 -5.01 -0.20
CA GLN B 119 49.80 -3.57 -0.40
C GLN B 119 51.23 -3.09 -0.58
N GLY B 120 52.21 -3.97 -0.41
CA GLY B 120 53.59 -3.64 -0.73
C GLY B 120 54.37 -3.15 0.47
N THR B 121 55.66 -3.48 0.48
CA THR B 121 56.59 -2.99 1.49
C THR B 121 57.88 -2.57 0.80
N GLN B 122 58.39 -1.41 1.17
CA GLN B 122 59.54 -0.83 0.49
C GLN B 122 60.83 -1.50 0.96
N VAL B 123 61.70 -1.85 0.02
CA VAL B 123 63.03 -2.36 0.31
C VAL B 123 64.03 -1.46 -0.39
N THR B 124 64.90 -0.82 0.39
CA THR B 124 65.87 0.14 -0.12
C THR B 124 67.27 -0.32 0.25
N VAL B 125 68.14 -0.43 -0.76
CA VAL B 125 69.50 -0.92 -0.58
C VAL B 125 70.46 0.17 -1.04
N SER B 126 71.31 0.64 -0.15
CA SER B 126 72.25 1.71 -0.42
C SER B 126 73.66 1.15 -0.59
N SER B 127 74.68 2.00 -0.47
CA SER B 127 76.08 1.62 -0.66
C SER B 127 76.30 0.95 -2.01
N PRO C 2 45.63 5.47 -23.42
CA PRO C 2 45.89 5.56 -21.99
C PRO C 2 45.37 4.36 -21.20
N SER C 3 45.53 4.41 -19.88
CA SER C 3 45.07 3.36 -18.99
C SER C 3 43.57 3.51 -18.72
N GLN C 4 43.02 2.52 -18.02
CA GLN C 4 41.63 2.55 -17.57
C GLN C 4 41.41 3.49 -16.40
N GLY C 5 42.45 4.18 -15.94
CA GLY C 5 42.38 4.97 -14.73
C GLY C 5 43.03 4.27 -13.55
N GLN C 6 43.13 5.00 -12.45
CA GLN C 6 43.83 4.49 -11.28
C GLN C 6 43.47 5.35 -10.08
N LEU C 7 43.34 4.71 -8.92
CA LEU C 7 43.13 5.41 -7.65
C LEU C 7 44.35 5.15 -6.79
N VAL C 8 45.16 6.18 -6.58
CA VAL C 8 46.39 6.07 -5.81
C VAL C 8 46.12 6.59 -4.41
N GLU C 9 46.07 5.68 -3.44
CA GLU C 9 45.87 6.05 -2.05
C GLU C 9 47.20 6.30 -1.36
N SER C 10 47.22 7.28 -0.47
CA SER C 10 48.38 7.55 0.36
C SER C 10 47.91 8.17 1.66
N GLY C 11 48.81 8.18 2.66
CA GLY C 11 48.51 8.74 3.96
C GLY C 11 48.35 7.73 5.06
N GLY C 12 48.45 6.44 4.77
CA GLY C 12 48.34 5.43 5.79
C GLY C 12 49.53 5.44 6.74
N GLY C 13 49.51 4.50 7.67
CA GLY C 13 50.59 4.36 8.61
C GLY C 13 50.07 3.89 9.95
N LEU C 14 50.94 3.99 10.96
CA LEU C 14 50.66 3.54 12.32
C LEU C 14 50.48 4.75 13.22
N VAL C 15 49.32 4.83 13.87
CA VAL C 15 49.05 5.86 14.85
C VAL C 15 48.67 5.20 16.17
N GLN C 16 48.84 5.96 17.25
CA GLN C 16 48.37 5.54 18.56
C GLN C 16 46.90 5.93 18.71
N ALA C 17 46.19 5.18 19.54
CA ALA C 17 44.77 5.44 19.76
C ALA C 17 44.54 6.90 20.15
N GLY C 18 43.54 7.52 19.53
CA GLY C 18 43.29 8.93 19.70
C GLY C 18 43.99 9.83 18.70
N GLY C 19 44.94 9.30 17.94
CA GLY C 19 45.65 10.08 16.96
C GLY C 19 44.79 10.42 15.75
N SER C 20 45.45 10.99 14.75
CA SER C 20 44.78 11.39 13.52
C SER C 20 45.58 10.96 12.31
N LEU C 21 44.87 10.63 11.23
CA LEU C 21 45.45 10.34 9.93
C LEU C 21 44.64 11.04 8.87
N ARG C 22 45.30 11.39 7.77
CA ARG C 22 44.65 12.04 6.63
C ARG C 22 44.98 11.23 5.37
N LEU C 23 44.02 10.43 4.93
CA LEU C 23 44.17 9.64 3.71
C LEU C 23 43.81 10.49 2.50
N SER C 24 44.48 10.20 1.38
CA SER C 24 44.25 10.92 0.13
C SER C 24 44.12 9.91 -1.01
N CYS C 25 43.26 10.24 -1.97
CA CYS C 25 43.00 9.39 -3.12
C CYS C 25 43.12 10.24 -4.38
N ALA C 26 44.24 10.08 -5.09
CA ALA C 26 44.48 10.80 -6.34
C ALA C 26 44.02 9.95 -7.51
N ALA C 27 43.18 10.52 -8.36
CA ALA C 27 42.57 9.78 -9.47
C ALA C 27 43.25 10.13 -10.78
N SER C 28 42.82 9.45 -11.84
CA SER C 28 43.30 9.67 -13.20
C SER C 28 42.45 8.85 -14.15
N GLY C 29 42.51 9.21 -15.43
CA GLY C 29 41.90 8.42 -16.48
C GLY C 29 40.40 8.25 -16.39
N ILE C 30 39.72 9.10 -15.62
CA ILE C 30 38.26 9.04 -15.50
C ILE C 30 37.72 10.46 -15.47
N ILE C 31 36.42 10.60 -15.71
CA ILE C 31 35.76 11.89 -15.63
C ILE C 31 35.40 12.13 -14.16
N PHE C 32 36.44 12.29 -13.34
CA PHE C 32 36.30 12.31 -11.88
C PHE C 32 35.21 13.24 -11.41
N ARG C 33 35.06 14.38 -12.09
CA ARG C 33 34.07 15.40 -11.74
C ARG C 33 32.68 14.81 -11.55
N GLU C 34 32.25 13.96 -12.49
CA GLU C 34 30.87 13.48 -12.54
C GLU C 34 30.61 12.27 -11.65
N LEU C 35 31.58 11.82 -10.85
CA LEU C 35 31.49 10.55 -10.16
C LEU C 35 31.55 10.72 -8.65
N GLY C 36 30.75 9.93 -7.94
CA GLY C 36 30.85 9.87 -6.49
C GLY C 36 31.95 8.92 -6.06
N ILE C 37 32.62 9.29 -4.97
CA ILE C 37 33.80 8.58 -4.50
C ILE C 37 33.52 7.98 -3.13
N ASP C 38 33.98 6.76 -2.91
CA ASP C 38 33.75 6.04 -1.67
C ASP C 38 35.08 5.65 -1.03
N TRP C 39 35.05 5.48 0.28
CA TRP C 39 36.15 4.90 1.04
C TRP C 39 35.66 3.63 1.70
N TYR C 40 36.27 2.51 1.36
CA TYR C 40 36.00 1.23 2.00
C TYR C 40 37.19 0.85 2.88
N ARG C 41 36.97 -0.13 3.75
CA ARG C 41 38.05 -0.69 4.53
C ARG C 41 37.77 -2.17 4.75
N GLN C 42 38.84 -2.91 5.03
CA GLN C 42 38.70 -4.34 5.30
C GLN C 42 39.76 -4.74 6.32
N ALA C 43 39.31 -5.23 7.47
CA ALA C 43 40.21 -5.77 8.47
C ALA C 43 40.52 -7.23 8.14
N PRO C 44 41.65 -7.74 8.60
CA PRO C 44 41.99 -9.15 8.34
C PRO C 44 40.89 -10.09 8.81
N GLY C 45 40.50 -11.02 7.94
CA GLY C 45 39.48 -12.00 8.24
C GLY C 45 38.07 -11.47 8.31
N LYS C 46 37.85 -10.19 8.03
CA LYS C 46 36.53 -9.57 8.09
C LYS C 46 36.05 -9.23 6.69
N GLN C 47 34.75 -8.94 6.59
CA GLN C 47 34.18 -8.48 5.35
C GLN C 47 34.42 -6.99 5.16
N ARG C 48 34.48 -6.56 3.91
CA ARG C 48 34.70 -5.16 3.62
C ARG C 48 33.58 -4.31 4.22
N GLU C 49 33.90 -3.05 4.45
CA GLU C 49 32.98 -2.13 5.12
C GLU C 49 33.08 -0.77 4.47
N LEU C 50 31.94 -0.21 4.07
CA LEU C 50 31.91 1.16 3.58
C LEU C 50 32.12 2.13 4.73
N VAL C 51 33.07 3.04 4.57
CA VAL C 51 33.41 4.03 5.59
C VAL C 51 32.73 5.36 5.32
N ALA C 52 32.94 5.92 4.13
CA ALA C 52 32.35 7.21 3.79
C ALA C 52 32.21 7.32 2.28
N SER C 53 31.28 8.18 1.87
CA SER C 53 31.07 8.46 0.46
C SER C 53 30.90 9.96 0.28
N ILE C 54 31.26 10.45 -0.90
CA ILE C 54 31.01 11.84 -1.26
C ILE C 54 30.49 11.87 -2.68
N ALA C 55 29.33 12.49 -2.87
CA ALA C 55 28.74 12.57 -4.20
C ALA C 55 29.53 13.55 -5.07
N SER C 56 29.22 13.54 -6.37
CA SER C 56 29.87 14.47 -7.28
C SER C 56 29.46 15.91 -7.00
N ALA C 57 28.34 16.12 -6.30
CA ALA C 57 27.88 17.45 -5.95
C ALA C 57 28.18 17.83 -4.51
N GLY C 58 28.79 16.94 -3.74
CA GLY C 58 29.28 17.25 -2.41
C GLY C 58 28.61 16.53 -1.26
N MET C 59 27.48 15.84 -1.47
CA MET C 59 26.79 15.19 -0.36
C MET C 59 27.67 14.11 0.25
N THR C 60 27.81 14.16 1.57
CA THR C 60 28.61 13.20 2.32
C THR C 60 27.70 12.32 3.16
N ASN C 61 28.07 11.06 3.30
CA ASN C 61 27.42 10.15 4.23
C ASN C 61 28.48 9.23 4.80
N TYR C 62 28.33 8.88 6.08
CA TYR C 62 29.34 8.14 6.82
C TYR C 62 28.71 6.90 7.45
N ALA C 63 29.55 5.88 7.65
CA ALA C 63 29.12 4.74 8.43
C ALA C 63 28.91 5.16 9.88
N ASP C 64 27.97 4.47 10.55
CA ASP C 64 27.64 4.84 11.92
C ASP C 64 28.84 4.68 12.86
N SER C 65 29.72 3.71 12.56
CA SER C 65 30.86 3.46 13.45
C SER C 65 31.89 4.57 13.41
N VAL C 66 31.87 5.43 12.39
CA VAL C 66 32.86 6.49 12.22
C VAL C 66 32.24 7.87 12.11
N LYS C 67 30.92 7.98 12.21
CA LYS C 67 30.26 9.27 12.06
C LYS C 67 30.67 10.20 13.19
N GLY C 68 31.00 11.45 12.82
CA GLY C 68 31.51 12.43 13.76
C GLY C 68 33.02 12.43 13.90
N ARG C 69 33.67 11.29 13.72
CA ARG C 69 35.13 11.21 13.81
C ARG C 69 35.81 11.43 12.47
N PHE C 70 35.24 10.93 11.38
CA PHE C 70 35.82 11.05 10.06
C PHE C 70 35.14 12.16 9.27
N THR C 71 35.89 12.75 8.35
CA THR C 71 35.35 13.75 7.43
C THR C 71 35.92 13.48 6.04
N ILE C 72 35.03 13.35 5.06
CA ILE C 72 35.41 13.12 3.67
C ILE C 72 35.12 14.38 2.87
N SER C 73 36.02 14.70 1.94
CA SER C 73 35.84 15.87 1.08
C SER C 73 36.59 15.63 -0.23
N ARG C 74 36.16 16.37 -1.24
CA ARG C 74 36.77 16.28 -2.57
C ARG C 74 37.28 17.64 -2.99
N ASP C 75 38.35 17.63 -3.79
CA ASP C 75 38.91 18.82 -4.42
C ASP C 75 38.88 18.57 -5.92
N ASN C 76 37.87 19.12 -6.60
CA ASN C 76 37.73 18.86 -8.03
C ASN C 76 38.90 19.44 -8.81
N ALA C 77 39.52 20.50 -8.32
CA ALA C 77 40.69 21.05 -9.00
C ALA C 77 41.89 20.11 -8.87
N LYS C 78 42.18 19.66 -7.65
CA LYS C 78 43.26 18.71 -7.44
C LYS C 78 42.91 17.29 -7.86
N ASN C 79 41.65 17.03 -8.22
CA ASN C 79 41.19 15.70 -8.63
C ASN C 79 41.49 14.66 -7.53
N THR C 80 41.28 15.06 -6.27
CA THR C 80 41.63 14.24 -5.13
C THR C 80 40.46 14.20 -4.16
N VAL C 81 40.41 13.12 -3.37
CA VAL C 81 39.47 12.95 -2.28
C VAL C 81 40.25 12.66 -1.01
N TYR C 82 39.84 13.26 0.10
CA TYR C 82 40.53 13.11 1.37
C TYR C 82 39.58 12.52 2.42
N LEU C 83 40.15 11.73 3.32
CA LEU C 83 39.42 11.18 4.47
C LEU C 83 40.20 11.53 5.72
N GLN C 84 39.77 12.58 6.42
CA GLN C 84 40.38 12.98 7.68
C GLN C 84 39.85 12.09 8.79
N MET C 85 40.74 11.36 9.45
CA MET C 85 40.37 10.38 10.46
C MET C 85 40.87 10.86 11.82
N ASN C 86 39.99 11.50 12.59
CA ASN C 86 40.31 11.96 13.93
C ASN C 86 39.85 10.95 14.97
N SER C 87 40.44 11.05 16.17
CA SER C 87 40.03 10.27 17.33
C SER C 87 40.00 8.77 17.00
N LEU C 88 41.11 8.29 16.45
CA LEU C 88 41.15 6.93 15.93
C LEU C 88 41.13 5.91 17.06
N LYS C 89 40.53 4.76 16.76
CA LYS C 89 40.35 3.65 17.70
C LYS C 89 40.99 2.39 17.14
N PRO C 90 41.32 1.43 18.01
CA PRO C 90 41.92 0.17 17.50
C PRO C 90 41.02 -0.61 16.55
N GLU C 91 39.70 -0.40 16.61
CA GLU C 91 38.79 -1.06 15.67
C GLU C 91 38.90 -0.51 14.26
N ASP C 92 39.52 0.65 14.07
CA ASP C 92 39.72 1.22 12.75
C ASP C 92 40.89 0.61 12.01
N THR C 93 41.62 -0.31 12.64
CA THR C 93 42.76 -0.98 12.02
C THR C 93 42.28 -1.84 10.85
N ALA C 94 42.56 -1.39 9.62
CA ALA C 94 42.14 -2.10 8.42
C ALA C 94 42.89 -1.53 7.24
N VAL C 95 42.80 -2.24 6.11
CA VAL C 95 43.29 -1.71 4.84
C VAL C 95 42.20 -0.86 4.22
N TYR C 96 42.52 0.39 3.92
CA TYR C 96 41.54 1.35 3.41
C TYR C 96 41.68 1.47 1.91
N TYR C 97 40.54 1.40 1.21
CA TYR C 97 40.51 1.38 -0.25
C TYR C 97 39.69 2.56 -0.78
N CYS C 98 40.22 3.23 -1.78
CA CYS C 98 39.45 4.20 -2.55
C CYS C 98 38.68 3.47 -3.65
N HIS C 99 37.52 4.00 -4.01
CA HIS C 99 36.66 3.30 -4.95
C HIS C 99 35.77 4.29 -5.71
N THR C 100 35.47 3.93 -6.96
CA THR C 100 34.47 4.63 -7.76
C THR C 100 34.01 3.68 -8.87
N LEU C 101 32.88 4.05 -9.49
CA LEU C 101 32.27 3.25 -10.55
C LEU C 101 32.16 4.12 -11.81
N PRO C 102 33.19 4.14 -12.66
CA PRO C 102 33.13 5.00 -13.86
C PRO C 102 32.02 4.60 -14.83
N ARG C 103 31.94 3.33 -15.19
CA ARG C 103 30.91 2.88 -16.13
C ARG C 103 30.26 1.59 -15.63
N PHE C 104 30.73 0.44 -16.12
CA PHE C 104 30.21 -0.84 -15.69
C PHE C 104 31.19 -1.66 -14.87
N SER C 105 32.43 -1.20 -14.73
CA SER C 105 33.45 -1.92 -13.97
C SER C 105 33.88 -1.06 -12.78
N HIS C 106 33.93 -1.68 -11.61
CA HIS C 106 34.38 -0.97 -10.41
C HIS C 106 35.86 -0.62 -10.52
N LEU C 107 36.22 0.56 -10.04
CA LEU C 107 37.60 1.01 -9.99
C LEU C 107 38.05 1.03 -8.54
N TRP C 108 39.07 0.23 -8.22
CA TRP C 108 39.59 0.10 -6.88
C TRP C 108 41.05 0.52 -6.83
N GLY C 109 41.41 1.23 -5.76
CA GLY C 109 42.81 1.43 -5.47
C GLY C 109 43.45 0.17 -4.91
N GLN C 110 44.78 0.19 -4.84
CA GLN C 110 45.50 -0.94 -4.27
C GLN C 110 45.41 -0.98 -2.74
N GLY C 111 45.03 0.12 -2.12
CA GLY C 111 44.83 0.17 -0.69
C GLY C 111 46.08 0.61 0.06
N THR C 112 45.84 1.11 1.28
CA THR C 112 46.90 1.53 2.20
C THR C 112 46.50 1.14 3.61
N ARG C 113 47.45 0.67 4.40
CA ARG C 113 47.11 0.17 5.72
C ARG C 113 46.98 1.30 6.72
N VAL C 114 46.09 1.09 7.68
CA VAL C 114 45.96 1.93 8.86
C VAL C 114 46.02 0.99 10.05
N THR C 115 47.06 1.15 10.87
CA THR C 115 47.21 0.37 12.09
C THR C 115 47.13 1.33 13.26
N VAL C 116 46.29 0.99 14.24
CA VAL C 116 46.10 1.80 15.43
C VAL C 116 46.54 0.97 16.64
N SER C 117 47.56 1.45 17.34
CA SER C 117 48.08 0.75 18.50
C SER C 117 47.21 1.01 19.71
N SER C 118 47.01 -0.02 20.53
CA SER C 118 46.17 0.08 21.71
C SER C 118 46.94 0.67 22.89
N PRO D 2 10.30 -13.27 -12.01
CA PRO D 2 10.84 -11.94 -11.66
C PRO D 2 11.50 -11.24 -12.84
N SER D 3 11.61 -9.91 -12.77
CA SER D 3 12.15 -9.12 -13.86
C SER D 3 13.67 -9.07 -13.77
N GLN D 4 14.28 -8.21 -14.59
CA GLN D 4 15.75 -8.15 -14.68
C GLN D 4 16.37 -7.76 -13.34
N VAL D 5 15.79 -6.77 -12.67
CA VAL D 5 16.27 -6.29 -11.38
C VAL D 5 15.21 -6.62 -10.33
N GLN D 6 15.66 -7.18 -9.22
CA GLN D 6 14.78 -7.51 -8.10
C GLN D 6 15.19 -6.69 -6.90
N LEU D 7 14.20 -6.10 -6.22
CA LEU D 7 14.44 -5.25 -5.06
C LEU D 7 13.74 -5.85 -3.85
N GLN D 8 14.39 -5.75 -2.69
CA GLN D 8 13.88 -6.35 -1.46
C GLN D 8 14.18 -5.41 -0.30
N GLU D 9 13.13 -4.86 0.31
CA GLU D 9 13.30 -3.96 1.44
C GLU D 9 13.46 -4.74 2.75
N SER D 10 13.89 -4.02 3.78
CA SER D 10 14.01 -4.57 5.13
C SER D 10 14.20 -3.40 6.09
N GLY D 11 14.02 -3.67 7.37
CA GLY D 11 14.22 -2.67 8.40
C GLY D 11 12.97 -1.93 8.84
N GLY D 12 11.79 -2.38 8.44
CA GLY D 12 10.57 -1.73 8.87
C GLY D 12 10.11 -2.21 10.22
N GLY D 13 9.25 -1.39 10.85
CA GLY D 13 8.74 -1.75 12.16
C GLY D 13 7.88 -0.65 12.75
N LEU D 14 7.92 -0.56 14.08
CA LEU D 14 7.10 0.39 14.84
C LEU D 14 8.02 1.29 15.65
N VAL D 15 7.75 2.59 15.64
CA VAL D 15 8.56 3.58 16.34
C VAL D 15 7.65 4.58 17.02
N GLN D 16 8.18 5.21 18.07
CA GLN D 16 7.50 6.31 18.72
C GLN D 16 7.75 7.61 17.97
N ALA D 17 6.84 8.57 18.14
CA ALA D 17 6.98 9.85 17.47
C ALA D 17 8.27 10.55 17.91
N GLY D 18 9.15 10.84 16.95
CA GLY D 18 10.44 11.42 17.22
C GLY D 18 11.59 10.44 17.16
N ASP D 19 11.32 9.15 16.99
CA ASP D 19 12.37 8.15 16.89
C ASP D 19 13.08 8.25 15.54
N SER D 20 14.07 7.37 15.35
CA SER D 20 14.76 7.24 14.07
C SER D 20 14.71 5.79 13.62
N LEU D 21 14.69 5.60 12.31
CA LEU D 21 14.64 4.26 11.74
C LEU D 21 15.41 4.25 10.42
N ARG D 22 16.10 3.15 10.16
CA ARG D 22 16.89 2.99 8.94
C ARG D 22 16.32 1.86 8.10
N LEU D 23 15.92 2.18 6.89
CA LEU D 23 15.47 1.19 5.91
C LEU D 23 16.61 0.86 4.97
N SER D 24 16.67 -0.40 4.55
CA SER D 24 17.65 -0.85 3.58
C SER D 24 16.94 -1.61 2.48
N CYS D 25 17.61 -1.68 1.32
CA CYS D 25 17.08 -2.38 0.16
C CYS D 25 18.23 -3.03 -0.59
N ALA D 26 18.05 -4.28 -0.99
CA ALA D 26 19.07 -5.05 -1.67
C ALA D 26 18.63 -5.30 -3.11
N ALA D 27 19.43 -4.81 -4.06
CA ALA D 27 19.20 -5.07 -5.47
C ALA D 27 19.91 -6.35 -5.89
N SER D 28 19.28 -7.11 -6.78
CA SER D 28 19.87 -8.34 -7.28
C SER D 28 19.45 -8.53 -8.74
N GLY D 29 20.20 -9.37 -9.44
CA GLY D 29 19.95 -9.60 -10.85
C GLY D 29 20.87 -8.79 -11.73
N ARG D 30 20.30 -8.13 -12.75
CA ARG D 30 21.06 -7.33 -13.70
C ARG D 30 21.41 -5.97 -13.10
N THR D 31 22.21 -6.01 -12.04
CA THR D 31 22.46 -4.81 -11.23
C THR D 31 23.36 -3.81 -11.92
N TRP D 32 24.13 -4.22 -12.93
CA TRP D 32 24.99 -3.27 -13.63
C TRP D 32 24.20 -2.29 -14.49
N SER D 33 22.92 -2.54 -14.71
CA SER D 33 22.06 -1.63 -15.47
C SER D 33 21.44 -0.54 -14.60
N ILE D 34 21.65 -0.58 -13.29
CA ILE D 34 21.07 0.40 -12.39
C ILE D 34 21.80 1.72 -12.57
N TYR D 35 21.05 2.77 -12.95
CA TYR D 35 21.60 4.11 -13.01
C TYR D 35 21.06 5.03 -11.92
N GLY D 36 20.03 4.60 -11.19
CA GLY D 36 19.49 5.37 -10.09
C GLY D 36 18.53 4.57 -9.24
N MET D 37 18.43 4.91 -7.96
CA MET D 37 17.47 4.27 -7.07
C MET D 37 16.81 5.32 -6.21
N GLY D 38 15.68 4.95 -5.61
CA GLY D 38 14.94 5.89 -4.79
C GLY D 38 13.99 5.19 -3.84
N TRP D 39 13.44 5.98 -2.93
CA TRP D 39 12.47 5.51 -1.95
C TRP D 39 11.15 6.24 -2.15
N PHE D 40 10.06 5.48 -2.18
CA PHE D 40 8.71 6.01 -2.25
C PHE D 40 7.93 5.50 -1.06
N ARG D 41 6.80 6.15 -0.77
CA ARG D 41 5.95 5.73 0.33
C ARG D 41 4.49 5.93 -0.05
N GLN D 42 3.62 5.12 0.56
CA GLN D 42 2.19 5.17 0.27
C GLN D 42 1.43 4.85 1.54
N ALA D 43 0.64 5.81 2.02
CA ALA D 43 -0.22 5.64 3.18
C ALA D 43 -1.65 5.33 2.72
N PRO D 44 -2.44 4.68 3.57
CA PRO D 44 -3.83 4.40 3.20
C PRO D 44 -4.61 5.68 2.95
N GLY D 45 -5.34 5.71 1.84
CA GLY D 45 -6.13 6.87 1.47
C GLY D 45 -5.36 7.96 0.77
N LYS D 46 -4.07 7.79 0.53
CA LYS D 46 -3.24 8.78 -0.13
C LYS D 46 -2.54 8.18 -1.34
N GLU D 47 -2.22 9.03 -2.31
CA GLU D 47 -1.45 8.59 -3.47
C GLU D 47 -0.01 8.29 -3.08
N ARG D 48 0.60 7.35 -3.80
CA ARG D 48 2.00 7.04 -3.58
C ARG D 48 2.86 8.24 -3.96
N GLU D 49 3.80 8.60 -3.08
CA GLU D 49 4.55 9.82 -3.23
C GLU D 49 6.05 9.54 -3.16
N PHE D 50 6.81 10.33 -3.92
CA PHE D 50 8.26 10.27 -3.91
C PHE D 50 8.80 10.77 -2.57
N VAL D 51 9.89 10.16 -2.12
CA VAL D 51 10.51 10.53 -0.85
C VAL D 51 11.95 10.99 -1.08
N ALA D 52 12.79 10.10 -1.60
CA ALA D 52 14.19 10.41 -1.80
C ALA D 52 14.72 9.62 -2.99
N GLY D 53 15.68 10.21 -3.70
CA GLY D 53 16.29 9.56 -4.84
C GLY D 53 17.78 9.84 -4.88
N ILE D 54 18.51 8.94 -5.55
CA ILE D 54 19.96 9.04 -5.61
C ILE D 54 20.44 8.46 -6.93
N THR D 55 21.39 9.14 -7.56
CA THR D 55 22.01 8.63 -8.78
C THR D 55 23.06 7.58 -8.42
N TRP D 56 23.16 6.56 -9.27
CA TRP D 56 23.97 5.39 -8.90
C TRP D 56 25.45 5.69 -8.94
N ARG D 57 25.93 6.29 -10.03
CA ARG D 57 27.36 6.55 -10.18
C ARG D 57 27.79 7.89 -9.57
N GLY D 58 26.95 8.92 -9.68
CA GLY D 58 27.27 10.19 -9.07
C GLY D 58 27.01 10.26 -7.58
N GLY D 59 26.06 9.47 -7.09
CA GLY D 59 25.69 9.54 -5.69
C GLY D 59 24.91 10.77 -5.31
N ASN D 60 24.44 11.54 -6.28
CA ASN D 60 23.75 12.79 -6.00
C ASN D 60 22.31 12.51 -5.57
N THR D 61 21.89 13.19 -4.50
CA THR D 61 20.60 12.94 -3.88
C THR D 61 19.68 14.14 -4.05
N HIS D 62 18.38 13.86 -4.22
CA HIS D 62 17.35 14.89 -4.17
C HIS D 62 16.16 14.33 -3.39
N TYR D 63 15.53 15.19 -2.60
CA TYR D 63 14.48 14.78 -1.68
C TYR D 63 13.17 15.46 -2.01
N ALA D 64 12.09 14.92 -1.45
CA ALA D 64 10.79 15.57 -1.53
C ALA D 64 10.73 16.73 -0.55
N ASP D 65 9.76 17.62 -0.77
CA ASP D 65 9.70 18.86 0.00
C ASP D 65 9.39 18.61 1.48
N PHE D 66 8.59 17.58 1.79
CA PHE D 66 8.21 17.35 3.18
C PHE D 66 9.36 16.79 4.03
N VAL D 67 10.45 16.36 3.40
CA VAL D 67 11.55 15.75 4.15
C VAL D 67 12.21 16.78 5.06
N LYS D 68 12.71 17.86 4.46
CA LYS D 68 13.30 18.99 5.19
C LYS D 68 14.42 18.52 6.14
N GLY D 69 15.32 17.70 5.60
CA GLY D 69 16.52 17.30 6.30
C GLY D 69 16.35 16.18 7.30
N ARG D 70 15.14 15.65 7.48
CA ARG D 70 14.96 14.56 8.44
C ARG D 70 15.50 13.23 7.91
N PHE D 71 15.42 13.02 6.60
CA PHE D 71 15.83 11.75 5.99
C PHE D 71 17.11 11.93 5.20
N THR D 72 17.93 10.87 5.20
CA THR D 72 19.15 10.82 4.40
C THR D 72 19.12 9.55 3.57
N ILE D 73 19.30 9.69 2.26
CA ILE D 73 19.41 8.54 1.36
C ILE D 73 20.86 8.36 0.96
N SER D 74 21.32 7.11 0.97
CA SER D 74 22.67 6.76 0.59
C SER D 74 22.64 5.43 -0.15
N ARG D 75 23.75 5.08 -0.78
CA ARG D 75 23.80 3.90 -1.62
C ARG D 75 25.20 3.32 -1.63
N ASP D 76 25.28 2.00 -1.81
CA ASP D 76 26.53 1.25 -1.90
C ASP D 76 26.46 0.47 -3.20
N ASN D 77 27.10 0.98 -4.26
CA ASN D 77 26.98 0.34 -5.56
C ASN D 77 27.90 -0.87 -5.74
N VAL D 78 28.73 -1.19 -4.74
CA VAL D 78 29.43 -2.47 -4.75
C VAL D 78 28.54 -3.55 -4.16
N LYS D 79 27.95 -3.27 -3.00
CA LYS D 79 27.00 -4.18 -2.37
C LYS D 79 25.64 -4.19 -3.07
N ASN D 80 25.38 -3.18 -3.90
CA ASN D 80 24.10 -3.03 -4.61
C ASN D 80 22.94 -2.83 -3.62
N THR D 81 23.13 -1.88 -2.72
CA THR D 81 22.13 -1.57 -1.69
C THR D 81 21.91 -0.06 -1.62
N VAL D 82 20.70 0.32 -1.21
CA VAL D 82 20.33 1.72 -1.00
C VAL D 82 19.71 1.81 0.39
N TYR D 83 19.99 2.92 1.09
CA TYR D 83 19.58 3.08 2.47
C TYR D 83 18.79 4.38 2.64
N LEU D 84 17.85 4.35 3.58
CA LEU D 84 17.11 5.54 3.97
C LEU D 84 17.18 5.66 5.49
N GLN D 85 17.99 6.60 5.97
CA GLN D 85 18.09 6.89 7.40
C GLN D 85 17.05 7.95 7.74
N MET D 86 16.00 7.54 8.46
CA MET D 86 14.91 8.44 8.81
C MET D 86 15.07 8.90 10.25
N ASN D 87 15.04 10.21 10.46
CA ASN D 87 15.15 10.81 11.78
C ASN D 87 13.92 11.65 12.07
N SER D 88 13.62 11.83 13.36
CA SER D 88 12.50 12.65 13.81
C SER D 88 11.18 12.19 13.18
N LEU D 89 10.88 10.91 13.34
CA LEU D 89 9.72 10.32 12.70
C LEU D 89 8.43 10.81 13.35
N LYS D 90 7.44 11.10 12.51
CA LYS D 90 6.17 11.67 12.90
C LYS D 90 5.02 10.76 12.48
N PRO D 91 3.84 10.91 13.09
CA PRO D 91 2.70 10.07 12.68
C PRO D 91 2.34 10.19 11.21
N GLU D 92 2.54 11.36 10.59
CA GLU D 92 2.25 11.51 9.17
C GLU D 92 3.17 10.67 8.31
N ASP D 93 4.33 10.26 8.83
CA ASP D 93 5.26 9.42 8.07
C ASP D 93 4.83 7.96 8.00
N THR D 94 3.78 7.58 8.72
CA THR D 94 3.32 6.19 8.69
C THR D 94 2.82 5.83 7.31
N ALA D 95 3.46 4.86 6.69
CA ALA D 95 3.12 4.40 5.33
C ALA D 95 3.92 3.14 5.05
N VAL D 96 3.69 2.57 3.86
CA VAL D 96 4.50 1.48 3.34
C VAL D 96 5.57 2.11 2.45
N TYR D 97 6.83 1.85 2.76
CA TYR D 97 7.94 2.46 2.04
C TYR D 97 8.48 1.49 0.99
N TYR D 98 8.66 1.99 -0.23
CA TYR D 98 8.96 1.16 -1.39
C TYR D 98 10.34 1.48 -1.93
N CYS D 99 11.09 0.43 -2.22
CA CYS D 99 12.35 0.55 -2.95
C CYS D 99 12.07 0.61 -4.44
N ALA D 100 12.83 1.45 -5.15
CA ALA D 100 12.63 1.62 -6.58
C ALA D 100 13.97 1.90 -7.25
N ALA D 101 14.05 1.55 -8.53
CA ALA D 101 15.28 1.69 -9.29
C ALA D 101 14.97 2.14 -10.71
N ASN D 102 15.88 2.95 -11.26
CA ASN D 102 15.87 3.39 -12.65
C ASN D 102 14.63 4.20 -13.00
N PRO D 103 14.62 5.49 -12.70
CA PRO D 103 13.49 6.34 -13.12
C PRO D 103 13.46 6.56 -14.62
N ASN D 104 12.54 5.88 -15.30
CA ASN D 104 12.36 6.08 -16.73
C ASN D 104 10.97 6.67 -16.98
N PRO D 105 10.82 8.00 -16.84
CA PRO D 105 9.52 8.68 -16.97
C PRO D 105 9.27 9.21 -18.37
N TYR D 111 3.13 5.16 -10.43
CA TYR D 111 3.76 3.85 -10.48
C TYR D 111 4.60 3.70 -11.75
N ARG D 112 4.27 4.48 -12.77
CA ARG D 112 5.01 4.47 -14.02
C ARG D 112 6.38 5.15 -13.90
N ARG D 113 6.75 5.64 -12.71
CA ARG D 113 7.92 6.49 -12.59
C ARG D 113 9.22 5.71 -12.70
N ASN D 114 9.24 4.45 -12.26
CA ASN D 114 10.46 3.66 -12.23
C ASN D 114 10.25 2.31 -12.90
N ASP D 115 11.34 1.75 -13.40
CA ASP D 115 11.29 0.45 -14.08
C ASP D 115 11.16 -0.71 -13.12
N TYR D 116 11.76 -0.62 -11.94
CA TYR D 116 11.78 -1.72 -10.99
C TYR D 116 11.31 -1.24 -9.63
N TRP D 117 10.41 -2.01 -9.02
CA TRP D 117 9.85 -1.68 -7.72
C TRP D 117 10.03 -2.84 -6.76
N GLY D 118 10.22 -2.51 -5.48
CA GLY D 118 10.07 -3.47 -4.42
C GLY D 118 8.61 -3.62 -4.05
N GLN D 119 8.38 -4.37 -2.97
CA GLN D 119 7.03 -4.65 -2.51
C GLN D 119 6.73 -4.00 -1.17
N GLY D 120 7.66 -3.21 -0.63
CA GLY D 120 7.38 -2.35 0.49
C GLY D 120 7.64 -3.00 1.84
N THR D 121 7.87 -2.14 2.83
CA THR D 121 7.99 -2.53 4.22
C THR D 121 7.19 -1.56 5.07
N GLN D 122 6.53 -2.09 6.11
CA GLN D 122 5.63 -1.28 6.91
C GLN D 122 6.40 -0.42 7.89
N VAL D 123 6.22 0.90 7.79
CA VAL D 123 6.72 1.85 8.77
C VAL D 123 5.51 2.53 9.40
N THR D 124 5.39 2.41 10.72
CA THR D 124 4.23 2.94 11.42
C THR D 124 4.68 3.62 12.70
N VAL D 125 4.25 4.87 12.90
CA VAL D 125 4.70 5.71 14.00
C VAL D 125 3.52 5.99 14.91
N SER D 126 3.76 5.95 16.22
CA SER D 126 2.72 6.17 17.22
C SER D 126 2.82 7.60 17.76
N SER D 127 2.13 7.83 18.88
CA SER D 127 2.09 9.14 19.54
C SER D 127 1.70 10.26 18.57
N PRO E 2 -7.93 14.54 -11.85
CA PRO E 2 -9.09 13.69 -11.55
C PRO E 2 -9.70 13.10 -12.83
N SER E 3 -9.56 11.79 -13.00
CA SER E 3 -9.95 11.13 -14.23
C SER E 3 -11.48 11.06 -14.33
N GLN E 4 -11.97 10.31 -15.33
CA GLN E 4 -13.40 10.33 -15.64
C GLN E 4 -14.24 9.74 -14.52
N VAL E 5 -13.69 8.80 -13.76
CA VAL E 5 -14.40 8.16 -12.66
C VAL E 5 -13.49 8.18 -11.43
N GLN E 6 -14.05 8.59 -10.30
CA GLN E 6 -13.35 8.57 -9.02
C GLN E 6 -13.94 7.46 -8.14
N LEU E 7 -13.07 6.81 -7.37
CA LEU E 7 -13.47 5.79 -6.42
C LEU E 7 -12.99 6.19 -5.04
N GLN E 8 -13.82 5.91 -4.03
CA GLN E 8 -13.53 6.35 -2.66
C GLN E 8 -13.93 5.22 -1.71
N GLU E 9 -12.94 4.52 -1.17
CA GLU E 9 -13.18 3.50 -0.16
C GLU E 9 -13.49 4.13 1.19
N SER E 10 -14.09 3.33 2.06
CA SER E 10 -14.31 3.67 3.46
C SER E 10 -14.79 2.42 4.18
N GLY E 11 -14.68 2.44 5.50
CA GLY E 11 -15.11 1.33 6.31
C GLY E 11 -13.99 0.48 6.89
N GLY E 12 -12.73 0.82 6.64
CA GLY E 12 -11.64 0.08 7.23
C GLY E 12 -11.38 0.46 8.67
N GLY E 13 -10.74 -0.45 9.39
CA GLY E 13 -10.45 -0.21 10.79
C GLY E 13 -9.71 -1.38 11.41
N LEU E 14 -9.60 -1.33 12.73
CA LEU E 14 -8.96 -2.39 13.49
C LEU E 14 -9.99 -3.38 14.00
N VAL E 15 -9.63 -4.66 13.94
CA VAL E 15 -10.57 -5.74 14.18
C VAL E 15 -9.78 -6.99 14.55
N GLN E 16 -10.34 -7.83 15.41
CA GLN E 16 -9.65 -9.01 15.90
C GLN E 16 -10.22 -10.26 15.25
N ALA E 17 -9.40 -11.31 15.24
CA ALA E 17 -9.67 -12.55 14.50
C ALA E 17 -11.03 -13.13 14.85
N GLY E 18 -11.85 -13.33 13.83
CA GLY E 18 -13.21 -13.80 14.00
C GLY E 18 -14.26 -12.72 13.88
N ASP E 19 -13.86 -11.46 13.82
CA ASP E 19 -14.82 -10.37 13.65
C ASP E 19 -15.18 -10.19 12.19
N SER E 20 -16.09 -9.28 11.92
CA SER E 20 -16.54 -8.98 10.57
C SER E 20 -16.40 -7.49 10.30
N LEU E 21 -16.10 -7.16 9.04
CA LEU E 21 -15.97 -5.79 8.60
C LEU E 21 -16.64 -5.66 7.25
N ARG E 22 -17.27 -4.51 7.00
CA ARG E 22 -17.97 -4.25 5.75
C ARG E 22 -17.36 -3.01 5.11
N LEU E 23 -16.71 -3.19 3.98
CA LEU E 23 -16.15 -2.08 3.22
C LEU E 23 -17.15 -1.57 2.20
N SER E 24 -17.03 -0.29 1.86
CA SER E 24 -17.86 0.32 0.84
C SER E 24 -16.98 1.20 -0.04
N CYS E 25 -17.44 1.43 -1.26
CA CYS E 25 -16.73 2.24 -2.23
C CYS E 25 -17.75 3.04 -3.03
N ALA E 26 -17.57 4.35 -3.10
CA ALA E 26 -18.48 5.23 -3.80
C ALA E 26 -17.84 5.68 -5.11
N ALA E 27 -18.48 5.36 -6.23
CA ALA E 27 -18.05 5.84 -7.52
C ALA E 27 -18.72 7.17 -7.84
N SER E 28 -17.99 8.04 -8.53
CA SER E 28 -18.52 9.34 -8.90
C SER E 28 -17.94 9.74 -10.24
N GLY E 29 -18.56 10.72 -10.86
CA GLY E 29 -18.13 11.18 -12.18
C GLY E 29 -18.91 10.50 -13.28
N ARG E 30 -18.17 9.89 -14.22
CA ARG E 30 -18.77 9.26 -15.40
C ARG E 30 -19.17 7.83 -15.05
N THR E 31 -20.16 7.73 -14.15
CA THR E 31 -20.56 6.44 -13.61
C THR E 31 -21.30 5.57 -14.62
N TRP E 32 -21.82 6.15 -15.69
CA TRP E 32 -22.53 5.35 -16.69
C TRP E 32 -21.59 4.52 -17.56
N SER E 33 -20.28 4.72 -17.45
CA SER E 33 -19.32 3.93 -18.20
C SER E 33 -18.87 2.68 -17.46
N ILE E 34 -19.37 2.47 -16.25
CA ILE E 34 -18.94 1.34 -15.43
C ILE E 34 -19.63 0.07 -15.90
N TYR E 35 -18.85 -0.97 -16.18
CA TYR E 35 -19.37 -2.29 -16.50
C TYR E 35 -18.96 -3.36 -15.50
N GLY E 36 -18.10 -3.03 -14.54
CA GLY E 36 -17.69 -3.97 -13.53
C GLY E 36 -16.86 -3.30 -12.45
N MET E 37 -16.95 -3.79 -11.22
CA MET E 37 -16.15 -3.29 -10.11
C MET E 37 -15.59 -4.46 -9.33
N GLY E 38 -14.55 -4.19 -8.55
CA GLY E 38 -13.91 -5.25 -7.78
C GLY E 38 -13.15 -4.71 -6.61
N TRP E 39 -12.75 -5.62 -5.74
CA TRP E 39 -11.96 -5.30 -4.54
C TRP E 39 -10.62 -6.01 -4.63
N PHE E 40 -9.56 -5.27 -4.33
CA PHE E 40 -8.20 -5.80 -4.27
C PHE E 40 -7.59 -5.49 -2.91
N ARG E 41 -6.54 -6.21 -2.57
CA ARG E 41 -5.82 -5.95 -1.33
C ARG E 41 -4.32 -6.08 -1.58
N GLN E 42 -3.55 -5.38 -0.75
CA GLN E 42 -2.09 -5.35 -0.88
C GLN E 42 -1.49 -5.28 0.52
N ALA E 43 -0.92 -6.40 0.98
CA ALA E 43 -0.23 -6.47 2.25
C ALA E 43 1.23 -6.04 2.10
N PRO E 44 1.82 -5.48 3.15
CA PRO E 44 3.22 -5.04 3.05
C PRO E 44 4.14 -6.21 2.75
N GLY E 45 5.09 -5.98 1.84
CA GLY E 45 5.98 -7.02 1.38
C GLY E 45 5.35 -8.03 0.45
N LYS E 46 4.08 -7.85 0.10
CA LYS E 46 3.37 -8.78 -0.77
C LYS E 46 2.93 -8.08 -2.05
N GLU E 47 2.63 -8.90 -3.05
CA GLU E 47 2.06 -8.42 -4.31
C GLU E 47 0.58 -8.15 -4.13
N ARG E 48 0.09 -7.12 -4.82
CA ARG E 48 -1.34 -6.82 -4.77
C ARG E 48 -2.13 -7.93 -5.46
N GLU E 49 -3.20 -8.39 -4.82
CA GLU E 49 -3.93 -9.56 -5.27
C GLU E 49 -5.42 -9.25 -5.40
N PHE E 50 -6.05 -9.94 -6.33
CA PHE E 50 -7.50 -9.84 -6.52
C PHE E 50 -8.23 -10.50 -5.35
N VAL E 51 -9.36 -9.92 -4.97
CA VAL E 51 -10.15 -10.47 -3.86
C VAL E 51 -11.53 -10.87 -4.37
N ALA E 52 -12.27 -9.91 -4.93
CA ALA E 52 -13.63 -10.16 -5.36
C ALA E 52 -13.98 -9.22 -6.51
N GLY E 53 -14.85 -9.68 -7.40
CA GLY E 53 -15.27 -8.88 -8.53
C GLY E 53 -16.74 -9.11 -8.83
N ILE E 54 -17.36 -8.11 -9.44
CA ILE E 54 -18.79 -8.16 -9.72
C ILE E 54 -19.06 -7.42 -11.02
N THR E 55 -19.94 -7.98 -11.84
CA THR E 55 -20.36 -7.32 -13.07
C THR E 55 -21.46 -6.32 -12.76
N TRP E 56 -21.44 -5.18 -13.47
CA TRP E 56 -22.31 -4.07 -13.10
C TRP E 56 -23.77 -4.37 -13.41
N ARG E 57 -24.07 -4.72 -14.66
CA ARG E 57 -25.46 -4.97 -15.04
C ARG E 57 -25.93 -6.35 -14.60
N GLY E 58 -25.10 -7.38 -14.77
CA GLY E 58 -25.51 -8.72 -14.39
C GLY E 58 -25.48 -8.96 -12.90
N GLY E 59 -24.55 -8.34 -12.19
CA GLY E 59 -24.40 -8.58 -10.76
C GLY E 59 -23.68 -9.88 -10.42
N ASN E 60 -23.10 -10.55 -11.41
CA ASN E 60 -22.46 -11.84 -11.18
C ASN E 60 -21.09 -11.65 -10.54
N THR E 61 -20.79 -12.49 -9.55
CA THR E 61 -19.62 -12.35 -8.72
C THR E 61 -18.68 -13.54 -8.88
N HIS E 62 -17.39 -13.28 -8.72
CA HIS E 62 -16.39 -14.32 -8.63
C HIS E 62 -15.34 -13.88 -7.62
N TYR E 63 -14.83 -14.83 -6.85
CA TYR E 63 -13.94 -14.53 -5.74
C TYR E 63 -12.59 -15.22 -5.93
N ALA E 64 -11.60 -14.75 -5.18
CA ALA E 64 -10.30 -15.40 -5.18
C ALA E 64 -10.35 -16.67 -4.35
N ASP E 65 -9.37 -17.56 -4.59
CA ASP E 65 -9.39 -18.88 -3.96
C ASP E 65 -9.29 -18.79 -2.44
N PHE E 66 -8.58 -17.79 -1.92
CA PHE E 66 -8.42 -17.68 -0.48
C PHE E 66 -9.70 -17.24 0.22
N VAL E 67 -10.67 -16.70 -0.52
CA VAL E 67 -11.90 -16.21 0.09
C VAL E 67 -12.67 -17.36 0.74
N LYS E 68 -12.97 -18.39 -0.04
CA LYS E 68 -13.62 -19.60 0.45
C LYS E 68 -14.93 -19.27 1.17
N GLY E 69 -15.76 -18.47 0.51
CA GLY E 69 -17.07 -18.12 1.02
C GLY E 69 -17.08 -17.16 2.19
N ARG E 70 -15.94 -16.64 2.61
CA ARG E 70 -15.91 -15.73 3.75
C ARG E 70 -16.35 -14.32 3.38
N PHE E 71 -16.09 -13.88 2.15
CA PHE E 71 -16.43 -12.54 1.72
C PHE E 71 -17.59 -12.58 0.74
N THR E 72 -18.39 -11.52 0.73
CA THR E 72 -19.48 -11.37 -0.21
C THR E 72 -19.43 -9.96 -0.80
N ILE E 73 -19.27 -9.87 -2.11
CA ILE E 73 -19.26 -8.59 -2.80
C ILE E 73 -20.65 -8.36 -3.38
N SER E 74 -21.14 -7.12 -3.26
CA SER E 74 -22.43 -6.73 -3.82
C SER E 74 -22.30 -5.30 -4.32
N ARG E 75 -23.25 -4.88 -5.16
CA ARG E 75 -23.19 -3.57 -5.75
C ARG E 75 -24.58 -2.96 -5.83
N ASP E 76 -24.60 -1.63 -5.90
CA ASP E 76 -25.82 -0.84 -6.09
C ASP E 76 -25.55 0.05 -7.29
N ASN E 77 -26.06 -0.32 -8.46
CA ASN E 77 -25.75 0.44 -9.66
C ASN E 77 -26.59 1.70 -9.82
N VAL E 78 -27.50 1.97 -8.89
CA VAL E 78 -28.20 3.26 -8.87
C VAL E 78 -27.46 4.27 -8.01
N LYS E 79 -27.04 3.85 -6.80
CA LYS E 79 -26.21 4.70 -5.98
C LYS E 79 -24.76 4.73 -6.45
N ASN E 80 -24.37 3.79 -7.33
CA ASN E 80 -23.01 3.68 -7.84
C ASN E 80 -22.03 3.36 -6.71
N THR E 81 -22.32 2.29 -5.99
CA THR E 81 -21.48 1.83 -4.89
C THR E 81 -21.28 0.33 -4.98
N VAL E 82 -20.16 -0.13 -4.42
CA VAL E 82 -19.85 -1.55 -4.32
C VAL E 82 -19.44 -1.83 -2.89
N TYR E 83 -19.83 -3.01 -2.39
CA TYR E 83 -19.62 -3.36 -0.99
C TYR E 83 -18.89 -4.69 -0.89
N LEU E 84 -18.06 -4.82 0.14
CA LEU E 84 -17.36 -6.06 0.45
C LEU E 84 -17.67 -6.43 1.88
N GLN E 85 -18.55 -7.41 2.07
CA GLN E 85 -18.88 -7.94 3.39
C GLN E 85 -17.84 -9.00 3.75
N MET E 86 -16.98 -8.69 4.70
CA MET E 86 -15.90 -9.59 5.11
C MET E 86 -16.27 -10.24 6.43
N ASN E 87 -16.27 -11.57 6.45
CA ASN E 87 -16.52 -12.35 7.65
C ASN E 87 -15.32 -13.24 7.95
N SER E 88 -15.26 -13.72 9.19
CA SER E 88 -14.21 -14.63 9.64
C SER E 88 -12.83 -14.03 9.39
N LEU E 89 -12.67 -12.76 9.77
CA LEU E 89 -11.41 -12.07 9.57
C LEU E 89 -10.32 -12.75 10.39
N LYS E 90 -9.12 -12.77 9.83
CA LYS E 90 -7.96 -13.41 10.46
C LYS E 90 -6.73 -12.63 10.10
N PRO E 91 -5.64 -12.73 10.87
CA PRO E 91 -4.45 -11.90 10.63
C PRO E 91 -3.94 -11.92 9.19
N GLU E 92 -4.16 -13.01 8.46
CA GLU E 92 -3.67 -13.09 7.09
C GLU E 92 -4.41 -12.13 6.16
N ASP E 93 -5.58 -11.66 6.55
CA ASP E 93 -6.37 -10.73 5.74
C ASP E 93 -5.93 -9.28 5.91
N THR E 94 -4.98 -8.99 6.79
CA THR E 94 -4.54 -7.63 7.01
C THR E 94 -3.82 -7.09 5.78
N ALA E 95 -4.34 -6.00 5.23
CA ALA E 95 -3.77 -5.37 4.04
C ALA E 95 -4.51 -4.04 3.82
N VAL E 96 -4.07 -3.31 2.79
CA VAL E 96 -4.79 -2.15 2.30
C VAL E 96 -5.75 -2.63 1.22
N TYR E 97 -7.05 -2.45 1.45
CA TYR E 97 -8.06 -2.94 0.52
C TYR E 97 -8.44 -1.85 -0.47
N TYR E 98 -8.23 -2.12 -1.75
CA TYR E 98 -8.46 -1.16 -2.81
C TYR E 98 -9.74 -1.48 -3.58
N CYS E 99 -10.35 -0.42 -4.10
CA CYS E 99 -11.55 -0.51 -4.92
C CYS E 99 -11.17 -0.18 -6.37
N ALA E 100 -11.70 -0.96 -7.31
CA ALA E 100 -11.35 -0.79 -8.71
C ALA E 100 -12.61 -0.94 -9.56
N ALA E 101 -12.53 -0.41 -10.78
CA ALA E 101 -13.66 -0.41 -11.71
C ALA E 101 -13.17 -0.61 -13.13
N ASN E 102 -14.01 -1.23 -13.95
CA ASN E 102 -13.76 -1.48 -15.36
C ASN E 102 -12.48 -2.28 -15.57
N PRO E 103 -12.52 -3.60 -15.39
CA PRO E 103 -11.32 -4.40 -15.63
C PRO E 103 -11.00 -4.51 -17.11
N ASN E 104 -9.72 -4.68 -17.40
CA ASN E 104 -9.25 -4.83 -18.78
C ASN E 104 -8.24 -5.97 -18.90
N ARG E 112 -2.11 -1.70 -15.88
CA ARG E 112 -2.80 -2.42 -14.82
C ARG E 112 -4.04 -3.12 -15.39
N ARG E 113 -4.66 -3.99 -14.59
CA ARG E 113 -5.81 -4.76 -15.06
C ARG E 113 -7.14 -4.06 -14.82
N ASN E 114 -7.14 -2.82 -14.33
CA ASN E 114 -8.35 -2.05 -14.16
C ASN E 114 -8.09 -0.61 -14.59
N ASP E 115 -9.13 0.00 -15.17
CA ASP E 115 -8.98 1.38 -15.66
C ASP E 115 -9.05 2.41 -14.55
N TYR E 116 -9.75 2.11 -13.46
CA TYR E 116 -9.91 3.06 -12.37
C TYR E 116 -9.61 2.38 -11.04
N TRP E 117 -8.90 3.10 -10.17
CA TRP E 117 -8.50 2.59 -8.87
C TRP E 117 -8.81 3.62 -7.80
N GLY E 118 -9.16 3.12 -6.61
CA GLY E 118 -9.21 3.94 -5.42
C GLY E 118 -7.83 4.07 -4.80
N GLN E 119 -7.80 4.69 -3.62
CA GLN E 119 -6.56 4.88 -2.89
C GLN E 119 -6.47 4.00 -1.65
N GLY E 120 -7.46 3.15 -1.41
CA GLY E 120 -7.35 2.09 -0.42
C GLY E 120 -7.76 2.54 0.97
N THR E 121 -8.04 1.53 1.81
CA THR E 121 -8.33 1.73 3.22
C THR E 121 -7.73 0.57 3.99
N GLN E 122 -7.25 0.87 5.20
CA GLN E 122 -6.48 -0.11 5.96
C GLN E 122 -7.42 -1.04 6.73
N VAL E 123 -7.21 -2.34 6.56
CA VAL E 123 -7.89 -3.38 7.34
C VAL E 123 -6.81 -4.15 8.08
N THR E 124 -6.88 -4.13 9.41
CA THR E 124 -5.87 -4.75 10.27
C THR E 124 -6.54 -5.76 11.19
N VAL E 125 -6.13 -7.02 11.06
CA VAL E 125 -6.68 -8.11 11.87
C VAL E 125 -5.55 -8.69 12.71
N SER E 126 -5.85 -8.96 13.98
CA SER E 126 -4.87 -9.49 14.93
C SER E 126 -5.45 -10.73 15.60
N SER E 127 -4.63 -11.34 16.45
CA SER E 127 -4.98 -12.58 17.17
C SER E 127 -5.30 -13.71 16.19
N GLY F 1 -39.77 -6.40 -28.85
CA GLY F 1 -40.79 -5.51 -29.36
C GLY F 1 -40.33 -4.08 -29.53
N PRO F 2 -41.25 -3.20 -29.93
CA PRO F 2 -40.86 -1.81 -30.22
C PRO F 2 -40.72 -0.92 -29.00
N SER F 3 -41.30 -1.27 -27.85
CA SER F 3 -41.20 -0.43 -26.68
C SER F 3 -39.85 -0.64 -25.99
N GLN F 4 -39.60 0.17 -24.97
CA GLN F 4 -38.35 0.10 -24.21
C GLN F 4 -38.38 -0.95 -23.11
N GLY F 5 -39.51 -1.63 -22.92
CA GLY F 5 -39.64 -2.55 -21.82
C GLY F 5 -40.27 -1.90 -20.63
N GLN F 6 -40.52 -2.72 -19.61
CA GLN F 6 -41.41 -2.33 -18.53
C GLN F 6 -41.36 -3.41 -17.46
N LEU F 7 -41.37 -3.00 -16.20
CA LEU F 7 -41.37 -3.91 -15.06
C LEU F 7 -42.69 -3.73 -14.32
N VAL F 8 -43.51 -4.77 -14.28
CA VAL F 8 -44.86 -4.69 -13.75
C VAL F 8 -44.90 -5.36 -12.38
N GLU F 9 -45.15 -4.58 -11.35
CA GLU F 9 -45.21 -5.07 -9.98
C GLU F 9 -46.64 -5.34 -9.55
N SER F 10 -46.78 -6.32 -8.66
CA SER F 10 -48.06 -6.60 -8.00
C SER F 10 -47.76 -7.33 -6.71
N GLY F 11 -48.78 -7.46 -5.87
CA GLY F 11 -48.68 -8.17 -4.61
C GLY F 11 -48.70 -7.29 -3.38
N GLY F 12 -48.61 -5.97 -3.53
CA GLY F 12 -48.65 -5.10 -2.38
C GLY F 12 -50.02 -5.09 -1.72
N GLY F 13 -50.09 -4.45 -0.56
CA GLY F 13 -51.35 -4.32 0.14
C GLY F 13 -51.12 -4.05 1.62
N LEU F 14 -52.22 -4.08 2.36
CA LEU F 14 -52.22 -3.88 3.80
C LEU F 14 -52.14 -5.23 4.50
N VAL F 15 -51.22 -5.34 5.45
CA VAL F 15 -51.06 -6.56 6.24
C VAL F 15 -50.81 -6.19 7.69
N GLN F 16 -51.25 -7.07 8.59
CA GLN F 16 -50.96 -6.89 10.01
C GLN F 16 -49.51 -7.22 10.31
N ALA F 17 -48.97 -6.57 11.33
CA ALA F 17 -47.61 -6.84 11.76
C ALA F 17 -47.45 -8.32 12.09
N GLY F 18 -46.37 -8.91 11.58
CA GLY F 18 -46.18 -10.35 11.63
C GLY F 18 -46.68 -11.08 10.41
N GLY F 19 -47.53 -10.44 9.60
CA GLY F 19 -48.06 -11.06 8.40
C GLY F 19 -47.01 -11.24 7.32
N SER F 20 -47.50 -11.64 6.15
CA SER F 20 -46.61 -11.96 5.04
C SER F 20 -47.17 -11.42 3.73
N LEU F 21 -46.27 -11.18 2.78
CA LEU F 21 -46.64 -10.74 1.43
C LEU F 21 -45.66 -11.34 0.44
N ARG F 22 -46.11 -11.47 -0.81
CA ARG F 22 -45.24 -11.91 -1.90
C ARG F 22 -45.37 -10.92 -3.04
N LEU F 23 -44.36 -10.07 -3.21
CA LEU F 23 -44.32 -9.15 -4.34
C LEU F 23 -43.81 -9.86 -5.58
N SER F 24 -44.33 -9.48 -6.73
CA SER F 24 -43.91 -10.05 -8.00
C SER F 24 -43.57 -8.92 -8.96
N CYS F 25 -42.65 -9.19 -9.88
CA CYS F 25 -42.22 -8.22 -10.89
C CYS F 25 -42.09 -8.96 -12.21
N ALA F 26 -43.07 -8.77 -13.10
CA ALA F 26 -43.06 -9.39 -14.41
C ALA F 26 -42.43 -8.45 -15.42
N ALA F 27 -41.36 -8.89 -16.06
CA ALA F 27 -40.73 -8.12 -17.13
C ALA F 27 -41.57 -8.22 -18.40
N SER F 28 -41.93 -7.08 -18.97
CA SER F 28 -42.71 -7.02 -20.19
C SER F 28 -41.93 -6.25 -21.24
N GLY F 29 -41.81 -6.82 -22.43
CA GLY F 29 -41.02 -6.21 -23.48
C GLY F 29 -39.53 -6.23 -23.22
N ILE F 30 -39.08 -7.06 -22.28
CA ILE F 30 -37.66 -7.14 -21.93
C ILE F 30 -37.41 -8.50 -21.31
N ILE F 31 -36.19 -8.99 -21.46
CA ILE F 31 -35.81 -10.30 -20.95
C ILE F 31 -34.89 -10.11 -19.75
N PHE F 32 -35.27 -10.71 -18.61
CA PHE F 32 -34.51 -10.63 -17.37
C PHE F 32 -33.18 -11.37 -17.43
N ARG F 33 -33.03 -12.31 -18.37
CA ARG F 33 -32.11 -13.43 -18.19
C ARG F 33 -30.70 -13.00 -17.82
N GLU F 34 -30.13 -12.06 -18.56
CA GLU F 34 -28.73 -11.69 -18.36
C GLU F 34 -28.54 -10.51 -17.41
N LEU F 35 -29.59 -10.08 -16.72
CA LEU F 35 -29.54 -8.88 -15.90
C LEU F 35 -29.77 -9.23 -14.43
N GLY F 36 -29.11 -8.47 -13.56
CA GLY F 36 -29.45 -8.52 -12.16
C GLY F 36 -30.72 -7.74 -11.90
N ILE F 37 -31.51 -8.22 -10.96
CA ILE F 37 -32.80 -7.61 -10.61
C ILE F 37 -32.72 -7.17 -9.15
N ASP F 38 -33.15 -5.94 -8.89
CA ASP F 38 -33.14 -5.38 -7.54
C ASP F 38 -34.55 -5.00 -7.12
N TRP F 39 -34.82 -5.14 -5.83
CA TRP F 39 -36.00 -4.54 -5.21
C TRP F 39 -35.56 -3.38 -4.34
N TYR F 40 -36.06 -2.19 -4.63
CA TYR F 40 -35.88 -1.02 -3.80
C TYR F 40 -37.18 -0.71 -3.08
N ARG F 41 -37.08 0.10 -2.03
CA ARG F 41 -38.26 0.62 -1.35
C ARG F 41 -37.99 2.05 -0.93
N GLN F 42 -39.06 2.80 -0.75
CA GLN F 42 -38.97 4.18 -0.29
C GLN F 42 -40.17 4.50 0.58
N ALA F 43 -39.91 4.80 1.85
CA ALA F 43 -40.96 5.27 2.74
C ALA F 43 -41.13 6.77 2.58
N PRO F 44 -42.32 7.30 2.87
CA PRO F 44 -42.55 8.74 2.70
C PRO F 44 -41.52 9.57 3.46
N GLY F 45 -40.89 10.51 2.74
CA GLY F 45 -39.92 11.40 3.33
C GLY F 45 -38.54 10.82 3.53
N LYS F 46 -38.28 9.60 3.08
CA LYS F 46 -37.01 8.93 3.32
C LYS F 46 -36.27 8.72 2.02
N GLN F 47 -34.98 8.43 2.14
CA GLN F 47 -34.20 8.03 0.97
C GLN F 47 -34.58 6.62 0.54
N ARG F 48 -34.43 6.35 -0.76
CA ARG F 48 -34.66 5.01 -1.26
C ARG F 48 -33.68 4.04 -0.61
N GLU F 49 -34.11 2.79 -0.47
CA GLU F 49 -33.33 1.77 0.22
C GLU F 49 -33.29 0.52 -0.64
N LEU F 50 -32.08 0.05 -0.95
CA LEU F 50 -31.93 -1.25 -1.60
C LEU F 50 -32.33 -2.35 -0.65
N VAL F 51 -33.32 -3.15 -1.03
CA VAL F 51 -33.87 -4.19 -0.17
C VAL F 51 -33.25 -5.55 -0.46
N ALA F 52 -33.23 -5.95 -1.73
CA ALA F 52 -32.70 -7.25 -2.10
C ALA F 52 -32.29 -7.20 -3.56
N SER F 53 -31.29 -8.00 -3.90
CA SER F 53 -30.80 -8.11 -5.27
C SER F 53 -30.59 -9.57 -5.59
N ILE F 54 -30.83 -9.93 -6.85
CA ILE F 54 -30.51 -11.27 -7.34
C ILE F 54 -29.75 -11.11 -8.65
N ALA F 55 -28.54 -11.66 -8.71
CA ALA F 55 -27.72 -11.57 -9.90
C ALA F 55 -28.30 -12.42 -11.02
N SER F 56 -27.74 -12.24 -12.23
CA SER F 56 -28.16 -13.07 -13.36
C SER F 56 -27.91 -14.55 -13.08
N ALA F 57 -26.80 -14.86 -12.40
CA ALA F 57 -26.44 -16.23 -12.07
C ALA F 57 -27.04 -16.71 -10.75
N GLY F 58 -27.82 -15.88 -10.07
CA GLY F 58 -28.61 -16.31 -8.94
C GLY F 58 -28.12 -15.88 -7.57
N MET F 59 -26.93 -15.30 -7.47
CA MET F 59 -26.46 -14.84 -6.16
C MET F 59 -27.41 -13.79 -5.60
N THR F 60 -27.74 -13.92 -4.32
CA THR F 60 -28.67 -13.00 -3.67
C THR F 60 -27.97 -12.28 -2.52
N ASN F 61 -28.30 -11.00 -2.34
CA ASN F 61 -27.85 -10.25 -1.19
C ASN F 61 -29.00 -9.37 -0.71
N TYR F 62 -29.02 -9.11 0.60
CA TYR F 62 -30.12 -8.43 1.25
C TYR F 62 -29.59 -7.30 2.11
N ALA F 63 -30.48 -6.37 2.46
CA ALA F 63 -30.18 -5.39 3.48
C ALA F 63 -30.30 -6.03 4.85
N ASP F 64 -29.46 -5.55 5.78
CA ASP F 64 -29.42 -6.16 7.12
C ASP F 64 -30.76 -6.07 7.82
N SER F 65 -31.57 -5.06 7.49
CA SER F 65 -32.86 -4.87 8.16
C SER F 65 -33.89 -5.92 7.75
N VAL F 66 -33.67 -6.62 6.64
CA VAL F 66 -34.61 -7.63 6.16
C VAL F 66 -33.99 -9.01 6.04
N LYS F 67 -32.71 -9.16 6.36
CA LYS F 67 -32.05 -10.45 6.26
C LYS F 67 -32.76 -11.49 7.12
N GLY F 68 -33.01 -12.66 6.54
CA GLY F 68 -33.73 -13.72 7.23
C GLY F 68 -35.24 -13.60 7.19
N ARG F 69 -35.78 -12.43 6.88
CA ARG F 69 -37.22 -12.25 6.75
C ARG F 69 -37.68 -12.20 5.31
N PHE F 70 -36.90 -11.60 4.42
CA PHE F 70 -37.25 -11.48 3.01
C PHE F 70 -36.43 -12.47 2.20
N THR F 71 -37.02 -12.97 1.12
CA THR F 71 -36.34 -13.86 0.20
C THR F 71 -36.63 -13.40 -1.22
N ILE F 72 -35.59 -13.19 -2.01
CA ILE F 72 -35.72 -12.79 -3.40
C ILE F 72 -35.41 -14.01 -4.27
N SER F 73 -36.17 -14.15 -5.35
CA SER F 73 -35.96 -15.27 -6.26
C SER F 73 -36.41 -14.86 -7.65
N ARG F 74 -35.86 -15.55 -8.65
CA ARG F 74 -36.19 -15.31 -10.04
C ARG F 74 -36.61 -16.61 -10.70
N ASP F 75 -37.54 -16.51 -11.64
CA ASP F 75 -37.98 -17.62 -12.47
C ASP F 75 -37.62 -17.28 -13.91
N ASN F 76 -36.57 -17.93 -14.43
CA ASN F 76 -36.10 -17.65 -15.77
C ASN F 76 -36.99 -18.26 -16.85
N ALA F 77 -37.95 -19.11 -16.45
CA ALA F 77 -38.95 -19.62 -17.39
C ALA F 77 -40.14 -18.67 -17.51
N LYS F 78 -40.55 -18.05 -16.41
CA LYS F 78 -41.65 -17.11 -16.43
C LYS F 78 -41.20 -15.67 -16.64
N ASN F 79 -39.89 -15.41 -16.64
CA ASN F 79 -39.33 -14.07 -16.81
C ASN F 79 -39.89 -13.11 -15.74
N THR F 80 -39.78 -13.55 -14.49
CA THR F 80 -40.39 -12.85 -13.37
C THR F 80 -39.48 -12.96 -12.16
N VAL F 81 -39.67 -12.04 -11.22
CA VAL F 81 -38.89 -11.98 -9.99
C VAL F 81 -39.85 -11.77 -8.82
N TYR F 82 -39.58 -12.46 -7.71
CA TYR F 82 -40.45 -12.41 -6.54
C TYR F 82 -39.68 -11.93 -5.33
N LEU F 83 -40.40 -11.27 -4.43
CA LEU F 83 -39.88 -10.92 -3.11
C LEU F 83 -40.86 -11.46 -2.06
N GLN F 84 -40.45 -12.53 -1.37
CA GLN F 84 -41.25 -13.11 -0.30
C GLN F 84 -40.93 -12.38 1.00
N MET F 85 -41.92 -11.70 1.56
CA MET F 85 -41.75 -10.88 2.75
C MET F 85 -42.48 -11.52 3.92
N ASN F 86 -41.73 -12.05 4.88
CA ASN F 86 -42.29 -12.70 6.06
C ASN F 86 -41.95 -11.90 7.30
N SER F 87 -42.76 -12.09 8.34
CA SER F 87 -42.58 -11.43 9.63
C SER F 87 -42.48 -9.91 9.46
N LEU F 88 -43.49 -9.36 8.79
CA LEU F 88 -43.46 -7.95 8.43
C LEU F 88 -43.69 -7.06 9.66
N LYS F 89 -42.88 -6.01 9.76
CA LYS F 89 -43.01 -5.02 10.82
C LYS F 89 -43.43 -3.67 10.23
N PRO F 90 -43.96 -2.76 11.05
CA PRO F 90 -44.39 -1.45 10.51
C PRO F 90 -43.27 -0.66 9.84
N GLU F 91 -42.01 -0.94 10.15
CA GLU F 91 -40.91 -0.24 9.50
C GLU F 91 -40.68 -0.71 8.06
N ASP F 92 -41.36 -1.77 7.64
CA ASP F 92 -41.32 -2.21 6.26
C ASP F 92 -42.32 -1.48 5.38
N THR F 93 -43.16 -0.61 5.97
CA THR F 93 -44.13 0.17 5.20
C THR F 93 -43.42 1.09 4.22
N ALA F 94 -43.70 0.92 2.93
CA ALA F 94 -43.08 1.73 1.89
C ALA F 94 -43.70 1.37 0.54
N VAL F 95 -43.36 2.15 -0.46
CA VAL F 95 -43.59 1.78 -1.85
C VAL F 95 -42.40 0.98 -2.32
N TYR F 96 -42.66 -0.21 -2.87
CA TYR F 96 -41.60 -1.09 -3.33
C TYR F 96 -41.49 -1.04 -4.85
N TYR F 97 -40.26 -1.00 -5.33
CA TYR F 97 -39.98 -0.80 -6.76
C TYR F 97 -39.09 -1.90 -7.28
N CYS F 98 -39.48 -2.49 -8.40
CA CYS F 98 -38.62 -3.38 -9.15
C CYS F 98 -37.65 -2.56 -10.00
N HIS F 99 -36.43 -3.08 -10.17
CA HIS F 99 -35.42 -2.31 -10.89
C HIS F 99 -34.46 -3.24 -11.61
N THR F 100 -33.98 -2.76 -12.77
CA THR F 100 -32.89 -3.39 -13.50
C THR F 100 -32.26 -2.34 -14.40
N LEU F 101 -31.03 -2.61 -14.84
CA LEU F 101 -30.27 -1.71 -15.70
C LEU F 101 -29.96 -2.44 -17.00
N PRO F 102 -30.82 -2.32 -18.02
CA PRO F 102 -30.56 -3.08 -19.26
C PRO F 102 -29.31 -2.64 -19.99
N ARG F 103 -29.16 -1.34 -20.27
CA ARG F 103 -27.98 -0.84 -20.96
C ARG F 103 -27.41 0.37 -20.21
N PHE F 104 -27.85 1.57 -20.57
CA PHE F 104 -27.38 2.79 -19.93
C PHE F 104 -28.45 3.56 -19.18
N SER F 105 -29.73 3.21 -19.35
CA SER F 105 -30.82 3.90 -18.67
C SER F 105 -31.47 2.95 -17.67
N HIS F 106 -31.61 3.42 -16.43
CA HIS F 106 -32.27 2.63 -15.40
C HIS F 106 -33.72 2.37 -15.78
N LEU F 107 -34.17 1.15 -15.52
CA LEU F 107 -35.56 0.76 -15.73
C LEU F 107 -36.21 0.54 -14.38
N TRP F 108 -37.28 1.28 -14.10
CA TRP F 108 -37.99 1.21 -12.84
C TRP F 108 -39.44 0.80 -13.07
N GLY F 109 -39.95 -0.07 -12.21
CA GLY F 109 -41.38 -0.26 -12.14
C GLY F 109 -42.07 0.94 -11.53
N GLN F 110 -43.38 1.01 -11.74
CA GLN F 110 -44.13 2.13 -11.19
C GLN F 110 -44.33 2.03 -9.69
N GLY F 111 -44.11 0.87 -9.10
CA GLY F 111 -44.17 0.74 -7.65
C GLY F 111 -45.46 0.10 -7.18
N THR F 112 -45.38 -0.60 -6.04
CA THR F 112 -46.53 -1.16 -5.38
C THR F 112 -46.46 -0.83 -3.89
N ARG F 113 -47.56 -0.34 -3.34
CA ARG F 113 -47.58 0.12 -1.96
C ARG F 113 -47.73 -1.05 -1.00
N VAL F 114 -46.95 -1.02 0.09
CA VAL F 114 -47.02 -2.02 1.15
C VAL F 114 -47.20 -1.28 2.47
N THR F 115 -48.27 -1.60 3.19
CA THR F 115 -48.56 -1.00 4.48
C THR F 115 -48.69 -2.09 5.52
N VAL F 116 -47.88 -2.01 6.57
CA VAL F 116 -47.89 -2.96 7.67
C VAL F 116 -48.46 -2.25 8.90
N SER F 117 -49.70 -2.60 9.26
CA SER F 117 -50.33 -2.02 10.43
C SER F 117 -49.77 -2.64 11.70
N SER F 118 -49.63 -1.82 12.74
CA SER F 118 -49.09 -2.29 14.01
C SER F 118 -50.15 -3.05 14.81
N GLY G 1 -40.41 4.95 -10.49
CA GLY G 1 -39.25 4.78 -9.61
C GLY G 1 -39.25 5.69 -8.41
N PRO G 2 -38.26 5.52 -7.53
CA PRO G 2 -38.15 6.42 -6.37
C PRO G 2 -37.81 7.83 -6.81
N SER G 3 -38.21 8.79 -5.99
CA SER G 3 -38.03 10.19 -6.32
C SER G 3 -37.93 11.01 -5.04
N GLN G 4 -37.51 12.26 -5.19
CA GLN G 4 -37.37 13.17 -4.06
C GLN G 4 -38.70 13.71 -3.56
N VAL G 5 -39.76 13.59 -4.36
CA VAL G 5 -41.13 13.82 -3.92
C VAL G 5 -41.90 12.53 -4.14
N GLN G 6 -42.46 11.99 -3.06
CA GLN G 6 -43.21 10.75 -3.13
C GLN G 6 -44.70 11.05 -3.11
N LEU G 7 -45.44 10.33 -3.93
CA LEU G 7 -46.89 10.44 -4.01
C LEU G 7 -47.50 9.07 -3.78
N GLN G 8 -48.65 9.02 -3.11
CA GLN G 8 -49.37 7.76 -3.00
C GLN G 8 -50.86 8.02 -2.90
N GLU G 9 -51.61 7.35 -3.77
CA GLU G 9 -53.05 7.51 -3.89
C GLU G 9 -53.78 6.60 -2.91
N SER G 10 -55.03 6.95 -2.63
CA SER G 10 -55.92 6.10 -1.86
C SER G 10 -57.34 6.56 -2.13
N GLY G 11 -58.31 5.75 -1.70
CA GLY G 11 -59.71 6.07 -1.85
C GLY G 11 -60.41 5.42 -3.03
N GLY G 12 -59.71 4.62 -3.83
CA GLY G 12 -60.36 3.93 -4.93
C GLY G 12 -61.28 2.83 -4.44
N GLY G 13 -62.11 2.34 -5.35
CA GLY G 13 -63.04 1.28 -4.99
C GLY G 13 -64.07 1.07 -6.08
N LEU G 14 -65.03 0.21 -5.77
CA LEU G 14 -66.11 -0.15 -6.69
C LEU G 14 -67.40 0.50 -6.24
N VAL G 15 -68.10 1.16 -7.18
CA VAL G 15 -69.35 1.84 -6.90
C VAL G 15 -70.29 1.62 -8.07
N GLN G 16 -71.54 2.01 -7.88
CA GLN G 16 -72.55 1.97 -8.93
C GLN G 16 -72.63 3.32 -9.64
N ALA G 17 -73.16 3.29 -10.86
CA ALA G 17 -73.33 4.51 -11.63
C ALA G 17 -74.19 5.51 -10.86
N GLY G 18 -73.77 6.77 -10.88
CA GLY G 18 -74.42 7.81 -10.10
C GLY G 18 -73.87 8.00 -8.71
N ASP G 19 -73.06 7.08 -8.20
CA ASP G 19 -72.49 7.21 -6.87
C ASP G 19 -71.36 8.22 -6.88
N SER G 20 -70.86 8.51 -5.68
CA SER G 20 -69.74 9.42 -5.49
C SER G 20 -68.55 8.66 -4.94
N LEU G 21 -67.36 9.23 -5.15
CA LEU G 21 -66.12 8.66 -4.64
C LEU G 21 -65.12 9.79 -4.50
N ARG G 22 -64.32 9.76 -3.44
CA ARG G 22 -63.33 10.79 -3.18
C ARG G 22 -61.96 10.14 -3.13
N LEU G 23 -61.09 10.53 -4.06
CA LEU G 23 -59.70 10.12 -4.08
C LEU G 23 -58.84 11.15 -3.36
N SER G 24 -57.72 10.70 -2.83
CA SER G 24 -56.75 11.58 -2.22
C SER G 24 -55.35 11.07 -2.54
N CYS G 25 -54.38 11.96 -2.43
CA CYS G 25 -52.99 11.63 -2.76
C CYS G 25 -52.09 12.38 -1.79
N ALA G 26 -51.30 11.64 -1.03
CA ALA G 26 -50.42 12.21 -0.02
C ALA G 26 -49.04 12.42 -0.62
N ALA G 27 -48.55 13.67 -0.59
CA ALA G 27 -47.23 14.00 -1.07
C ALA G 27 -46.27 14.13 0.11
N SER G 28 -45.04 13.63 -0.08
CA SER G 28 -44.01 13.71 0.94
C SER G 28 -42.67 14.02 0.28
N GLY G 29 -41.66 14.27 1.10
CA GLY G 29 -40.34 14.60 0.60
C GLY G 29 -40.16 16.10 0.45
N ARG G 30 -39.63 16.51 -0.71
CA ARG G 30 -39.40 17.93 -0.96
C ARG G 30 -40.69 18.59 -1.47
N THR G 31 -41.67 18.62 -0.58
CA THR G 31 -43.01 19.12 -0.92
C THR G 31 -43.01 20.60 -1.26
N TRP G 32 -42.02 21.36 -0.77
CA TRP G 32 -41.95 22.79 -1.09
C TRP G 32 -41.64 23.04 -2.55
N SER G 33 -41.11 22.06 -3.27
CA SER G 33 -40.82 22.22 -4.69
C SER G 33 -41.97 21.76 -5.57
N ILE G 34 -43.14 21.51 -5.00
CA ILE G 34 -44.33 21.21 -5.78
C ILE G 34 -44.93 22.52 -6.28
N TYR G 35 -45.18 22.58 -7.59
CA TYR G 35 -45.80 23.77 -8.19
C TYR G 35 -47.18 23.50 -8.77
N GLY G 36 -47.47 22.26 -9.15
CA GLY G 36 -48.79 21.89 -9.63
C GLY G 36 -48.95 20.40 -9.47
N MET G 37 -50.20 19.97 -9.38
CA MET G 37 -50.50 18.54 -9.30
C MET G 37 -51.67 18.24 -10.22
N GLY G 38 -51.82 16.97 -10.55
CA GLY G 38 -52.89 16.56 -11.44
C GLY G 38 -53.35 15.14 -11.14
N TRP G 39 -54.61 14.89 -11.49
CA TRP G 39 -55.16 13.55 -11.50
C TRP G 39 -55.26 13.07 -12.95
N PHE G 40 -54.86 11.83 -13.18
CA PHE G 40 -54.86 11.22 -14.49
C PHE G 40 -55.54 9.85 -14.40
N ARG G 41 -56.15 9.44 -15.51
CA ARG G 41 -56.82 8.14 -15.58
C ARG G 41 -56.17 7.29 -16.67
N GLN G 42 -55.97 6.02 -16.37
CA GLN G 42 -55.41 5.06 -17.33
C GLN G 42 -56.50 4.03 -17.58
N ALA G 43 -57.35 4.33 -18.56
CA ALA G 43 -58.46 3.47 -18.90
C ALA G 43 -57.95 2.18 -19.55
N PRO G 44 -58.73 1.11 -19.52
CA PRO G 44 -58.25 -0.19 -20.03
C PRO G 44 -57.68 -0.11 -21.44
N GLY G 45 -56.44 -0.58 -21.58
CA GLY G 45 -55.74 -0.62 -22.86
C GLY G 45 -55.30 0.71 -23.42
N LYS G 46 -55.36 1.78 -22.63
CA LYS G 46 -55.18 3.13 -23.14
C LYS G 46 -54.10 3.85 -22.36
N GLU G 47 -53.38 4.76 -23.04
CA GLU G 47 -52.42 5.62 -22.36
C GLU G 47 -53.13 6.50 -21.35
N ARG G 48 -52.45 6.80 -20.24
CA ARG G 48 -53.05 7.65 -19.23
C ARG G 48 -53.27 9.06 -19.79
N GLU G 49 -54.35 9.69 -19.32
CA GLU G 49 -54.77 10.98 -19.85
C GLU G 49 -55.22 11.90 -18.73
N PHE G 50 -55.12 13.20 -18.99
CA PHE G 50 -55.43 14.21 -17.99
C PHE G 50 -56.89 14.17 -17.60
N VAL G 51 -57.16 14.28 -16.30
CA VAL G 51 -58.51 14.39 -15.76
C VAL G 51 -58.74 15.75 -15.11
N ALA G 52 -57.85 16.16 -14.21
CA ALA G 52 -57.98 17.41 -13.49
C ALA G 52 -56.61 17.85 -12.99
N GLY G 53 -56.43 19.17 -12.91
CA GLY G 53 -55.17 19.73 -12.47
C GLY G 53 -55.39 20.94 -11.58
N ILE G 54 -54.36 21.27 -10.80
CA ILE G 54 -54.46 22.36 -9.84
C ILE G 54 -53.07 22.94 -9.59
N THR G 55 -52.98 24.28 -9.56
CA THR G 55 -51.73 24.92 -9.23
C THR G 55 -51.57 24.96 -7.72
N TRP G 56 -50.33 24.76 -7.26
CA TRP G 56 -50.08 24.49 -5.84
C TRP G 56 -50.29 25.74 -5.00
N ARG G 57 -49.78 26.88 -5.45
CA ARG G 57 -49.88 28.12 -4.67
C ARG G 57 -51.14 28.91 -4.99
N GLY G 58 -51.56 28.93 -6.26
CA GLY G 58 -52.76 29.66 -6.61
C GLY G 58 -54.06 28.90 -6.37
N GLY G 59 -54.01 27.58 -6.33
CA GLY G 59 -55.21 26.79 -6.17
C GLY G 59 -56.12 26.75 -7.36
N ASN G 60 -55.67 27.26 -8.51
CA ASN G 60 -56.50 27.31 -9.71
C ASN G 60 -56.59 25.93 -10.35
N THR G 61 -57.77 25.62 -10.91
CA THR G 61 -58.06 24.28 -11.38
C THR G 61 -58.39 24.27 -12.87
N HIS G 62 -58.33 23.06 -13.44
CA HIS G 62 -58.69 22.83 -14.83
C HIS G 62 -59.16 21.38 -14.94
N TYR G 63 -60.07 21.12 -15.88
CA TYR G 63 -60.70 19.82 -16.00
C TYR G 63 -60.75 19.36 -17.45
N ALA G 64 -60.57 18.06 -17.66
CA ALA G 64 -60.73 17.48 -18.98
C ALA G 64 -62.19 17.62 -19.44
N ASP G 65 -62.39 17.53 -20.74
CA ASP G 65 -63.72 17.78 -21.31
C ASP G 65 -64.74 16.71 -20.93
N PHE G 66 -64.30 15.51 -20.56
CA PHE G 66 -65.26 14.48 -20.16
C PHE G 66 -65.67 14.58 -18.71
N VAL G 67 -65.08 15.49 -17.93
CA VAL G 67 -65.49 15.67 -16.55
C VAL G 67 -66.89 16.27 -16.48
N LYS G 68 -67.12 17.34 -17.24
CA LYS G 68 -68.44 17.97 -17.38
C LYS G 68 -68.98 18.44 -16.04
N GLY G 69 -68.12 19.04 -15.22
CA GLY G 69 -68.55 19.58 -13.94
C GLY G 69 -68.88 18.56 -12.88
N ARG G 70 -68.57 17.28 -13.12
CA ARG G 70 -68.87 16.24 -12.14
C ARG G 70 -67.78 16.10 -11.08
N PHE G 71 -66.54 16.43 -11.40
CA PHE G 71 -65.42 16.23 -10.48
C PHE G 71 -64.95 17.59 -9.96
N THR G 72 -64.33 17.55 -8.79
CA THR G 72 -63.73 18.73 -8.18
C THR G 72 -62.38 18.35 -7.63
N ILE G 73 -61.33 19.02 -8.09
CA ILE G 73 -60.00 18.82 -7.56
C ILE G 73 -59.69 19.95 -6.58
N SER G 74 -59.03 19.62 -5.47
CA SER G 74 -58.64 20.59 -4.47
C SER G 74 -57.35 20.10 -3.84
N ARG G 75 -56.69 20.99 -3.10
CA ARG G 75 -55.42 20.61 -2.50
C ARG G 75 -55.26 21.29 -1.15
N ASP G 76 -54.46 20.67 -0.30
CA ASP G 76 -54.10 21.18 1.02
C ASP G 76 -52.57 21.22 1.04
N ASN G 77 -51.99 22.38 0.80
CA ASN G 77 -50.53 22.46 0.66
C ASN G 77 -49.80 22.54 2.00
N VAL G 78 -50.52 22.50 3.12
CA VAL G 78 -49.90 22.29 4.42
C VAL G 78 -49.86 20.81 4.76
N LYS G 79 -51.01 20.14 4.63
CA LYS G 79 -51.07 18.69 4.79
C LYS G 79 -50.42 17.98 3.61
N ASN G 80 -50.20 18.68 2.50
CA ASN G 80 -49.53 18.15 1.30
C ASN G 80 -50.34 17.02 0.68
N THR G 81 -51.62 17.28 0.46
CA THR G 81 -52.54 16.31 -0.12
C THR G 81 -53.38 16.98 -1.20
N VAL G 82 -53.64 16.24 -2.27
CA VAL G 82 -54.53 16.67 -3.34
C VAL G 82 -55.69 15.71 -3.41
N TYR G 83 -56.88 16.24 -3.67
CA TYR G 83 -58.11 15.46 -3.62
C TYR G 83 -58.85 15.52 -4.95
N LEU G 84 -59.60 14.47 -5.24
CA LEU G 84 -60.48 14.43 -6.40
C LEU G 84 -61.84 13.93 -5.92
N GLN G 85 -62.81 14.85 -5.84
CA GLN G 85 -64.17 14.51 -5.49
C GLN G 85 -64.90 14.12 -6.77
N MET G 86 -65.24 12.83 -6.89
CA MET G 86 -65.88 12.31 -8.09
C MET G 86 -67.35 12.08 -7.81
N ASN G 87 -68.21 12.88 -8.42
CA ASN G 87 -69.66 12.74 -8.32
C ASN G 87 -70.22 12.24 -9.64
N SER G 88 -71.41 11.64 -9.57
CA SER G 88 -72.14 11.17 -10.75
C SER G 88 -71.26 10.28 -11.62
N LEU G 89 -70.65 9.27 -11.00
CA LEU G 89 -69.75 8.40 -11.73
C LEU G 89 -70.50 7.58 -12.77
N LYS G 90 -69.82 7.30 -13.87
CA LYS G 90 -70.34 6.57 -15.01
C LYS G 90 -69.47 5.36 -15.29
N PRO G 91 -70.02 4.32 -15.92
CA PRO G 91 -69.18 3.17 -16.31
C PRO G 91 -67.95 3.57 -17.12
N GLU G 92 -68.07 4.60 -17.96
CA GLU G 92 -66.94 5.08 -18.76
C GLU G 92 -65.81 5.66 -17.94
N ASP G 93 -66.02 5.89 -16.63
CA ASP G 93 -64.99 6.41 -15.76
C ASP G 93 -64.09 5.32 -15.20
N THR G 94 -64.41 4.05 -15.40
CA THR G 94 -63.61 2.95 -14.87
C THR G 94 -62.20 3.01 -15.41
N ALA G 95 -61.21 3.09 -14.51
CA ALA G 95 -59.82 3.24 -14.88
C ALA G 95 -58.96 3.14 -13.63
N VAL G 96 -57.66 3.04 -13.83
CA VAL G 96 -56.70 3.29 -12.77
C VAL G 96 -56.43 4.79 -12.73
N TYR G 97 -56.53 5.38 -11.54
CA TYR G 97 -56.38 6.82 -11.38
C TYR G 97 -55.04 7.12 -10.73
N TYR G 98 -54.24 7.95 -11.38
CA TYR G 98 -52.87 8.24 -10.96
C TYR G 98 -52.75 9.69 -10.52
N CYS G 99 -51.96 9.89 -9.49
CA CYS G 99 -51.60 11.20 -8.97
C CYS G 99 -50.24 11.60 -9.56
N ALA G 100 -50.10 12.87 -9.94
CA ALA G 100 -48.86 13.39 -10.51
C ALA G 100 -48.60 14.79 -9.99
N ALA G 101 -47.32 15.20 -10.05
CA ALA G 101 -46.90 16.52 -9.61
C ALA G 101 -45.88 17.10 -10.58
N ASN G 102 -45.97 18.42 -10.79
CA ASN G 102 -45.01 19.22 -11.55
C ASN G 102 -44.96 18.83 -13.02
N PRO G 103 -45.92 19.31 -13.82
CA PRO G 103 -45.81 19.17 -15.27
C PRO G 103 -44.48 19.65 -15.81
N ASN G 104 -43.95 18.93 -16.79
CA ASN G 104 -42.66 19.23 -17.40
C ASN G 104 -42.88 19.45 -18.88
N PRO G 105 -42.43 20.58 -19.45
CA PRO G 105 -42.73 20.84 -20.86
C PRO G 105 -42.08 19.87 -21.83
N SER G 106 -40.94 19.29 -21.48
CA SER G 106 -40.26 18.34 -22.34
C SER G 106 -40.58 16.91 -21.91
N GLY G 107 -40.65 16.02 -22.90
CA GLY G 107 -40.98 14.63 -22.67
C GLY G 107 -41.89 14.09 -23.76
N SER G 108 -41.67 12.85 -24.18
CA SER G 108 -42.36 12.30 -25.34
C SER G 108 -43.69 11.62 -25.00
N SER G 109 -44.04 11.51 -23.72
CA SER G 109 -45.31 10.94 -23.32
C SER G 109 -45.84 11.69 -22.11
N VAL G 110 -47.11 11.46 -21.79
CA VAL G 110 -47.74 12.08 -20.62
C VAL G 110 -46.96 11.72 -19.36
N TYR G 111 -46.63 10.44 -19.21
CA TYR G 111 -45.84 9.97 -18.09
C TYR G 111 -44.54 10.76 -17.94
N ARG G 112 -43.89 11.06 -19.06
CA ARG G 112 -42.63 11.80 -19.04
C ARG G 112 -42.82 13.30 -18.93
N ARG G 113 -44.02 13.83 -19.14
CA ARG G 113 -44.27 15.25 -18.99
C ARG G 113 -44.72 15.62 -17.58
N ASN G 114 -44.46 14.74 -16.60
CA ASN G 114 -44.67 15.03 -15.20
C ASN G 114 -43.51 14.43 -14.41
N ASP G 115 -43.02 15.19 -13.43
CA ASP G 115 -41.79 14.82 -12.74
C ASP G 115 -42.01 13.73 -11.70
N TYR G 116 -43.20 13.64 -11.11
CA TYR G 116 -43.45 12.71 -10.02
C TYR G 116 -44.79 12.03 -10.23
N TRP G 117 -44.84 10.73 -9.95
CA TRP G 117 -46.05 9.94 -10.11
C TRP G 117 -46.29 9.06 -8.89
N GLY G 118 -47.57 8.85 -8.59
CA GLY G 118 -47.97 7.84 -7.63
C GLY G 118 -48.02 6.46 -8.27
N GLN G 119 -48.68 5.54 -7.58
CA GLN G 119 -48.75 4.15 -8.01
C GLN G 119 -50.11 3.75 -8.54
N GLY G 120 -51.10 4.62 -8.47
CA GLY G 120 -52.42 4.36 -9.02
C GLY G 120 -53.37 3.74 -8.02
N THR G 121 -54.66 4.02 -8.21
CA THR G 121 -55.72 3.39 -7.44
C THR G 121 -56.89 3.11 -8.37
N GLN G 122 -57.44 1.90 -8.26
CA GLN G 122 -58.47 1.43 -9.17
C GLN G 122 -59.82 2.06 -8.84
N VAL G 123 -60.50 2.57 -9.86
CA VAL G 123 -61.87 3.07 -9.72
C VAL G 123 -62.74 2.30 -10.68
N THR G 124 -63.76 1.64 -10.16
CA THR G 124 -64.62 0.75 -10.95
C THR G 124 -66.07 1.15 -10.75
N VAL G 125 -66.75 1.44 -11.85
CA VAL G 125 -68.14 1.90 -11.81
C VAL G 125 -68.99 0.90 -12.57
N SER G 126 -69.94 0.27 -11.87
CA SER G 126 -70.79 -0.76 -12.43
C SER G 126 -72.16 -0.15 -12.77
N SER G 127 -73.16 -1.01 -12.97
CA SER G 127 -74.52 -0.61 -13.33
C SER G 127 -74.53 0.21 -14.62
N GLN H 4 -41.89 36.93 4.00
CA GLN H 4 -41.62 38.26 4.53
C GLN H 4 -42.91 39.07 4.57
N GLY H 5 -43.94 38.55 3.90
CA GLY H 5 -45.26 39.13 3.97
C GLY H 5 -45.85 38.99 5.36
N GLN H 6 -47.12 39.38 5.48
CA GLN H 6 -47.79 39.33 6.76
C GLN H 6 -49.27 39.08 6.55
N LEU H 7 -49.85 38.24 7.41
CA LEU H 7 -51.29 38.04 7.47
C LEU H 7 -51.76 38.41 8.87
N VAL H 8 -52.76 39.28 8.95
CA VAL H 8 -53.27 39.79 10.22
C VAL H 8 -54.75 39.44 10.32
N GLU H 9 -55.08 38.49 11.19
CA GLU H 9 -56.47 38.10 11.41
C GLU H 9 -57.10 38.95 12.49
N SER H 10 -58.40 39.18 12.35
CA SER H 10 -59.19 39.86 13.37
C SER H 10 -60.63 39.36 13.29
N GLY H 11 -61.44 39.78 14.25
CA GLY H 11 -62.84 39.42 14.28
C GLY H 11 -63.21 38.30 15.24
N GLY H 12 -62.25 37.73 15.95
CA GLY H 12 -62.55 36.65 16.86
C GLY H 12 -63.31 37.13 18.09
N GLY H 13 -63.78 36.17 18.86
CA GLY H 13 -64.48 36.49 20.08
C GLY H 13 -65.34 35.33 20.55
N LEU H 14 -66.24 35.67 21.48
CA LEU H 14 -67.14 34.70 22.10
C LEU H 14 -68.53 34.82 21.50
N VAL H 15 -69.15 33.67 21.21
CA VAL H 15 -70.47 33.63 20.60
C VAL H 15 -71.22 32.42 21.14
N GLN H 16 -72.52 32.57 21.31
CA GLN H 16 -73.36 31.46 21.72
C GLN H 16 -73.62 30.52 20.53
N ALA H 17 -73.85 29.25 20.85
CA ALA H 17 -74.17 28.27 19.82
C ALA H 17 -75.34 28.72 18.99
N GLY H 18 -75.23 28.57 17.67
CA GLY H 18 -76.21 29.07 16.75
C GLY H 18 -75.97 30.46 16.24
N GLY H 19 -75.04 31.20 16.84
CA GLY H 19 -74.72 32.55 16.42
C GLY H 19 -73.81 32.56 15.20
N SER H 20 -73.32 33.76 14.88
CA SER H 20 -72.47 33.94 13.72
C SER H 20 -71.34 34.90 14.03
N LEU H 21 -70.21 34.69 13.35
CA LEU H 21 -69.04 35.55 13.44
C LEU H 21 -68.45 35.74 12.05
N ARG H 22 -67.85 36.89 11.82
CA ARG H 22 -67.18 37.17 10.56
C ARG H 22 -65.72 37.49 10.85
N LEU H 23 -64.82 36.60 10.44
CA LEU H 23 -63.39 36.83 10.54
C LEU H 23 -62.88 37.51 9.27
N SER H 24 -61.79 38.26 9.42
CA SER H 24 -61.12 38.86 8.28
C SER H 24 -59.62 38.64 8.44
N CYS H 25 -58.91 38.75 7.31
CA CYS H 25 -57.46 38.55 7.27
C CYS H 25 -56.88 39.54 6.28
N ALA H 26 -56.12 40.52 6.79
CA ALA H 26 -55.48 41.52 5.95
C ALA H 26 -54.05 41.09 5.62
N ALA H 27 -53.73 41.05 4.33
CA ALA H 27 -52.43 40.60 3.86
C ALA H 27 -51.62 41.78 3.33
N SER H 28 -50.30 41.66 3.43
CA SER H 28 -49.38 42.66 2.90
C SER H 28 -48.04 42.00 2.62
N GLY H 29 -47.26 42.62 1.74
CA GLY H 29 -45.96 42.09 1.41
C GLY H 29 -45.97 40.83 0.56
N ILE H 30 -47.12 40.45 0.00
CA ILE H 30 -47.21 39.29 -0.86
C ILE H 30 -47.99 39.68 -2.12
N ILE H 31 -47.78 38.90 -3.18
CA ILE H 31 -48.55 39.08 -4.40
C ILE H 31 -49.93 38.47 -4.17
N PHE H 32 -50.80 39.24 -3.52
CA PHE H 32 -52.04 38.68 -2.96
C PHE H 32 -52.94 38.11 -4.04
N ARG H 33 -53.04 38.79 -5.18
CA ARG H 33 -54.02 38.39 -6.19
C ARG H 33 -53.61 37.13 -6.95
N GLU H 34 -52.38 36.66 -6.80
CA GLU H 34 -51.94 35.44 -7.46
C GLU H 34 -51.98 34.23 -6.54
N LEU H 35 -52.33 34.41 -5.27
CA LEU H 35 -52.21 33.36 -4.26
C LEU H 35 -53.58 32.88 -3.81
N GLY H 36 -53.70 31.56 -3.62
CA GLY H 36 -54.82 31.02 -2.90
C GLY H 36 -54.60 31.20 -1.40
N ILE H 37 -55.67 31.56 -0.70
CA ILE H 37 -55.61 31.84 0.73
C ILE H 37 -56.48 30.84 1.47
N ASP H 38 -56.02 30.41 2.64
CA ASP H 38 -56.70 29.39 3.42
C ASP H 38 -56.99 29.89 4.83
N TRP H 39 -58.06 29.37 5.42
CA TRP H 39 -58.28 29.45 6.85
C TRP H 39 -58.05 28.06 7.45
N TYR H 40 -57.17 28.01 8.44
CA TYR H 40 -56.98 26.82 9.26
C TYR H 40 -57.46 27.11 10.67
N ARG H 41 -57.63 26.06 11.47
CA ARG H 41 -57.99 26.22 12.87
C ARG H 41 -57.36 25.10 13.68
N GLN H 42 -57.08 25.40 14.94
CA GLN H 42 -56.51 24.42 15.88
C GLN H 42 -57.34 24.45 17.15
N ALA H 43 -58.14 23.40 17.35
CA ALA H 43 -58.88 23.24 18.58
C ALA H 43 -57.91 22.96 19.73
N PRO H 44 -58.32 23.25 20.97
CA PRO H 44 -57.41 23.03 22.11
C PRO H 44 -56.96 21.58 22.19
N GLY H 45 -55.65 21.39 22.24
CA GLY H 45 -55.08 20.05 22.37
C GLY H 45 -55.29 19.17 21.16
N LYS H 46 -55.46 19.75 19.97
CA LYS H 46 -55.68 18.99 18.75
C LYS H 46 -54.80 19.55 17.64
N GLN H 47 -54.79 18.84 16.51
CA GLN H 47 -53.95 19.24 15.39
C GLN H 47 -54.62 20.36 14.59
N ARG H 48 -53.78 21.28 14.10
CA ARG H 48 -54.26 22.32 13.20
C ARG H 48 -54.74 21.69 11.89
N GLU H 49 -55.89 22.14 11.41
CA GLU H 49 -56.56 21.51 10.28
C GLU H 49 -57.17 22.56 9.37
N LEU H 50 -57.33 22.19 8.09
CA LEU H 50 -57.88 23.10 7.10
C LEU H 50 -59.37 23.31 7.32
N VAL H 51 -59.82 24.55 7.14
CA VAL H 51 -61.22 24.92 7.29
C VAL H 51 -61.84 25.30 5.96
N ALA H 52 -61.21 26.23 5.23
CA ALA H 52 -61.73 26.70 3.96
C ALA H 52 -60.58 27.27 3.14
N SER H 53 -60.74 27.22 1.82
CA SER H 53 -59.74 27.69 0.88
C SER H 53 -60.42 28.47 -0.23
N ILE H 54 -59.75 29.52 -0.71
CA ILE H 54 -60.21 30.25 -1.87
C ILE H 54 -59.02 30.42 -2.81
N ALA H 55 -59.16 29.95 -4.04
CA ALA H 55 -58.09 30.09 -5.02
C ALA H 55 -58.05 31.52 -5.55
N SER H 56 -56.94 31.86 -6.21
CA SER H 56 -56.84 33.20 -6.79
C SER H 56 -57.93 33.43 -7.83
N ALA H 57 -58.40 32.37 -8.49
CA ALA H 57 -59.51 32.46 -9.43
C ALA H 57 -60.87 32.43 -8.76
N GLY H 58 -60.94 32.26 -7.44
CA GLY H 58 -62.16 32.42 -6.69
C GLY H 58 -62.83 31.13 -6.24
N MET H 59 -62.42 29.98 -6.77
CA MET H 59 -63.03 28.72 -6.36
C MET H 59 -62.84 28.48 -4.87
N THR H 60 -63.89 27.99 -4.22
CA THR H 60 -63.87 27.74 -2.78
C THR H 60 -64.10 26.26 -2.52
N ASN H 61 -63.43 25.73 -1.50
CA ASN H 61 -63.79 24.43 -0.96
C ASN H 61 -63.67 24.49 0.57
N TYR H 62 -64.37 23.56 1.22
CA TYR H 62 -64.57 23.62 2.66
C TYR H 62 -64.36 22.24 3.27
N ALA H 63 -63.95 22.23 4.54
CA ALA H 63 -63.96 20.99 5.30
C ALA H 63 -65.39 20.50 5.45
N ASP H 64 -65.55 19.17 5.50
CA ASP H 64 -66.88 18.58 5.56
C ASP H 64 -67.68 19.08 6.77
N SER H 65 -67.01 19.29 7.91
CA SER H 65 -67.72 19.68 9.11
C SER H 65 -68.22 21.13 9.08
N VAL H 66 -67.73 21.96 8.17
CA VAL H 66 -68.16 23.35 8.08
C VAL H 66 -68.89 23.65 6.79
N LYS H 67 -68.99 22.69 5.87
CA LYS H 67 -69.66 22.93 4.60
C LYS H 67 -71.13 23.26 4.82
N GLY H 68 -71.61 24.29 4.13
CA GLY H 68 -72.96 24.77 4.30
C GLY H 68 -73.13 25.81 5.39
N ARG H 69 -72.18 25.92 6.31
CA ARG H 69 -72.25 26.89 7.39
C ARG H 69 -71.28 28.05 7.24
N PHE H 70 -70.08 27.79 6.73
CA PHE H 70 -69.06 28.82 6.55
C PHE H 70 -68.99 29.24 5.10
N THR H 71 -68.58 30.48 4.87
CA THR H 71 -68.39 31.03 3.53
C THR H 71 -67.08 31.81 3.51
N ILE H 72 -66.18 31.45 2.61
CA ILE H 72 -64.92 32.15 2.46
C ILE H 72 -65.00 33.03 1.21
N SER H 73 -64.46 34.24 1.30
CA SER H 73 -64.46 35.19 0.19
C SER H 73 -63.20 36.03 0.28
N ARG H 74 -62.95 36.81 -0.78
CA ARG H 74 -61.77 37.64 -0.82
C ARG H 74 -62.08 38.96 -1.52
N ASP H 75 -61.37 40.01 -1.12
CA ASP H 75 -61.45 41.34 -1.73
C ASP H 75 -60.04 41.71 -2.15
N ASN H 76 -59.72 41.52 -3.43
CA ASN H 76 -58.38 41.81 -3.93
C ASN H 76 -58.04 43.29 -3.85
N ALA H 77 -59.04 44.16 -3.83
CA ALA H 77 -58.76 45.59 -3.73
C ALA H 77 -58.28 45.98 -2.35
N LYS H 78 -58.70 45.24 -1.32
CA LYS H 78 -58.23 45.45 0.05
C LYS H 78 -57.18 44.43 0.48
N ASN H 79 -56.85 43.47 -0.39
CA ASN H 79 -55.94 42.38 -0.03
C ASN H 79 -56.40 41.67 1.24
N THR H 80 -57.70 41.38 1.30
CA THR H 80 -58.33 40.83 2.50
C THR H 80 -59.15 39.60 2.14
N VAL H 81 -59.14 38.62 3.04
CA VAL H 81 -59.96 37.42 2.94
C VAL H 81 -60.90 37.39 4.15
N TYR H 82 -62.14 36.96 3.93
CA TYR H 82 -63.14 36.89 4.98
C TYR H 82 -63.64 35.45 5.14
N LEU H 83 -63.97 35.10 6.39
CA LEU H 83 -64.62 33.83 6.70
C LEU H 83 -65.91 34.13 7.45
N GLN H 84 -67.04 33.99 6.77
CA GLN H 84 -68.34 34.17 7.38
C GLN H 84 -68.79 32.84 8.00
N MET H 85 -68.91 32.81 9.31
CA MET H 85 -69.21 31.60 10.06
C MET H 85 -70.62 31.70 10.62
N ASN H 86 -71.51 30.82 10.16
CA ASN H 86 -72.89 30.78 10.59
C ASN H 86 -73.18 29.50 11.34
N SER H 87 -74.26 29.52 12.13
CA SER H 87 -74.75 28.34 12.85
C SER H 87 -73.63 27.67 13.62
N LEU H 88 -72.93 28.46 14.44
CA LEU H 88 -71.72 28.00 15.09
C LEU H 88 -72.03 26.94 16.14
N LYS H 89 -71.16 25.94 16.21
CA LYS H 89 -71.22 24.84 17.16
C LYS H 89 -70.08 24.95 18.15
N PRO H 90 -70.23 24.35 19.35
CA PRO H 90 -69.08 24.32 20.28
C PRO H 90 -67.84 23.68 19.67
N GLU H 91 -68.01 22.73 18.75
CA GLU H 91 -66.88 22.10 18.09
C GLU H 91 -66.11 23.06 17.20
N ASP H 92 -66.65 24.25 16.93
CA ASP H 92 -65.94 25.27 16.16
C ASP H 92 -64.98 26.10 17.00
N THR H 93 -64.92 25.86 18.31
CA THR H 93 -64.03 26.61 19.19
C THR H 93 -62.58 26.28 18.87
N ALA H 94 -61.80 27.31 18.52
CA ALA H 94 -60.41 27.10 18.12
C ALA H 94 -59.76 28.46 17.90
N VAL H 95 -58.44 28.44 17.73
CA VAL H 95 -57.72 29.55 17.14
C VAL H 95 -57.73 29.40 15.63
N TYR H 96 -58.15 30.45 14.93
CA TYR H 96 -58.25 30.42 13.47
C TYR H 96 -57.07 31.16 12.86
N TYR H 97 -56.41 30.50 11.90
CA TYR H 97 -55.20 31.03 11.29
C TYR H 97 -55.44 31.26 9.81
N CYS H 98 -55.10 32.46 9.33
CA CYS H 98 -54.99 32.74 7.92
C CYS H 98 -53.69 32.15 7.38
N HIS H 99 -53.72 31.62 6.17
CA HIS H 99 -52.54 30.94 5.64
C HIS H 99 -52.41 31.15 4.13
N THR H 100 -51.17 31.23 3.67
CA THR H 100 -50.85 31.15 2.26
C THR H 100 -49.41 30.68 2.12
N LEU H 101 -49.04 30.34 0.88
CA LEU H 101 -47.71 29.80 0.57
C LEU H 101 -47.11 30.65 -0.54
N PRO H 102 -46.47 31.77 -0.20
CA PRO H 102 -45.95 32.65 -1.25
C PRO H 102 -44.80 32.04 -2.03
N ARG H 103 -43.82 31.44 -1.35
CA ARG H 103 -42.70 30.82 -2.04
C ARG H 103 -42.46 29.41 -1.52
N PHE H 104 -41.36 29.19 -0.81
CA PHE H 104 -41.02 27.87 -0.29
C PHE H 104 -41.45 27.66 1.15
N SER H 105 -41.78 28.72 1.89
CA SER H 105 -42.09 28.63 3.31
C SER H 105 -43.51 29.07 3.57
N HIS H 106 -44.23 28.30 4.39
CA HIS H 106 -45.59 28.65 4.76
C HIS H 106 -45.63 29.98 5.48
N LEU H 107 -46.66 30.77 5.20
CA LEU H 107 -46.89 32.04 5.85
C LEU H 107 -48.17 31.93 6.68
N TRP H 108 -48.04 32.06 7.99
CA TRP H 108 -49.17 32.00 8.90
C TRP H 108 -49.42 33.36 9.53
N GLY H 109 -50.69 33.69 9.75
CA GLY H 109 -51.03 34.78 10.62
C GLY H 109 -50.78 34.40 12.07
N GLN H 110 -50.88 35.39 12.96
CA GLN H 110 -50.69 35.09 14.37
C GLN H 110 -51.93 34.46 15.00
N GLY H 111 -53.08 34.55 14.35
CA GLY H 111 -54.24 33.80 14.78
C GLY H 111 -55.24 34.67 15.52
N THR H 112 -56.51 34.29 15.43
CA THR H 112 -57.60 34.94 16.15
C THR H 112 -58.45 33.87 16.80
N ARG H 113 -58.81 34.08 18.06
CA ARG H 113 -59.47 33.05 18.85
C ARG H 113 -60.99 33.17 18.74
N VAL H 114 -61.63 32.02 18.53
CA VAL H 114 -63.08 31.91 18.49
C VAL H 114 -63.52 30.91 19.55
N THR H 115 -64.43 31.32 20.42
CA THR H 115 -65.02 30.44 21.43
C THR H 115 -66.53 30.42 21.25
N VAL H 116 -67.08 29.23 21.11
CA VAL H 116 -68.52 29.04 20.96
C VAL H 116 -69.04 28.32 22.20
N SER H 117 -69.84 29.01 23.00
CA SER H 117 -70.44 28.43 24.19
C SER H 117 -71.76 27.76 23.82
N SER H 118 -71.98 26.56 24.34
CA SER H 118 -73.19 25.82 24.07
C SER H 118 -74.37 26.35 24.88
#